data_8DB6
#
_entry.id   8DB6
#
_cell.length_a   50.596
_cell.length_b   75.115
_cell.length_c   85.209
_cell.angle_alpha   76.160
_cell.angle_beta   81.488
_cell.angle_gamma   88.145
#
_symmetry.space_group_name_H-M   'P 1'
#
loop_
_entity.id
_entity.type
_entity.pdbx_description
1 polymer 'Inosine-uridine preferring nucleoside hydrolase family protein'
2 non-polymer GLYCEROL
3 non-polymer 'CALCIUM ION'
4 water water
#
_entity_poly.entity_id   1
_entity_poly.type   'polypeptide(L)'
_entity_poly.pdbx_seq_one_letter_code
;MKLWIDTDCGIDDATAILICLANPSIEIVGISCIGGNASLQNVIRNVNRTLKVWGKTDIPIFGGCQAPLVQPKMEIPHIH
GGDGLGDINDNDFGTNTPNKLEKEHAVNALIHAANTIEDLNILCLAPLTNIAIALSMAPEAILKIKHFYIMGGAENGKGN
ITPYGEFNWRADPEAAQIVLQTYPQYQTTIASWTLAVFNSFNANDYDFFNLDGNLVRRFIRETWKPIIAFDGGRICPADP
LAAFIAVYGDRAIKRAERLHLSMVLEGEKLGMSLAEPDEKGCLVVKECDAELFVKILRELQDHQ
;
_entity_poly.pdbx_strand_id   B,A,C,D
#
# COMPACT_ATOMS: atom_id res chain seq x y z
N MET A 1 8.14 -32.44 8.18
CA MET A 1 7.94 -31.03 8.51
C MET A 1 9.03 -30.51 9.42
N LYS A 2 9.76 -29.50 8.95
CA LYS A 2 10.74 -28.84 9.80
C LYS A 2 10.03 -27.74 10.59
N LEU A 3 10.26 -27.71 11.90
CA LEU A 3 9.45 -26.93 12.82
C LEU A 3 10.34 -26.18 13.78
N TRP A 4 10.13 -24.87 13.88
CA TRP A 4 10.68 -24.05 14.95
C TRP A 4 9.60 -23.81 16.00
N ILE A 5 9.96 -23.91 17.27
CA ILE A 5 9.00 -23.72 18.36
C ILE A 5 9.46 -22.55 19.23
N ASP A 6 8.56 -21.60 19.46
CA ASP A 6 8.82 -20.47 20.34
C ASP A 6 7.86 -20.61 21.52
N THR A 7 8.40 -20.56 22.74
CA THR A 7 7.68 -21.03 23.90
C THR A 7 8.05 -20.22 25.12
N ASP A 8 7.08 -20.09 26.03
CA ASP A 8 7.31 -19.65 27.41
C ASP A 8 7.08 -20.85 28.32
N CYS A 9 7.65 -21.99 27.94
CA CYS A 9 7.42 -23.31 28.54
C CYS A 9 7.07 -23.16 29.98
N GLY A 10 5.77 -23.00 30.14
CA GLY A 10 5.01 -23.51 31.22
C GLY A 10 4.38 -24.85 30.87
N ILE A 11 3.29 -25.16 31.58
CA ILE A 11 2.86 -26.54 31.67
C ILE A 11 2.27 -27.03 30.36
N ASP A 12 1.39 -26.23 29.74
CA ASP A 12 0.80 -26.73 28.51
C ASP A 12 1.78 -26.65 27.35
N ASP A 13 2.74 -25.68 27.39
CA ASP A 13 3.81 -25.67 26.39
C ASP A 13 4.55 -27.00 26.35
N ALA A 14 4.94 -27.49 27.52
CA ALA A 14 5.74 -28.72 27.60
C ALA A 14 5.00 -29.88 26.95
N THR A 15 3.72 -30.02 27.25
CA THR A 15 2.94 -31.10 26.64
C THR A 15 2.85 -30.89 25.14
N ALA A 16 2.72 -29.63 24.70
CA ALA A 16 2.69 -29.34 23.27
C ALA A 16 4.00 -29.76 22.60
N ILE A 17 5.12 -29.50 23.27
CA ILE A 17 6.42 -29.93 22.76
C ILE A 17 6.51 -31.45 22.69
N LEU A 18 6.01 -32.15 23.72
CA LEU A 18 6.00 -33.62 23.67
C LEU A 18 5.21 -34.13 22.47
N ILE A 19 4.06 -33.52 22.17
CA ILE A 19 3.30 -33.89 20.98
C ILE A 19 4.18 -33.77 19.73
N CYS A 20 4.96 -32.68 19.63
CA CYS A 20 5.85 -32.53 18.49
C CYS A 20 6.97 -33.57 18.53
N LEU A 21 7.54 -33.81 19.72
CA LEU A 21 8.62 -34.79 19.83
C LEU A 21 8.14 -36.19 19.45
N ALA A 22 6.89 -36.51 19.75
CA ALA A 22 6.39 -37.87 19.59
C ALA A 22 6.10 -38.27 18.15
N ASN A 23 5.85 -37.32 17.26
CA ASN A 23 5.48 -37.66 15.89
C ASN A 23 6.73 -37.79 15.04
N PRO A 24 6.98 -38.93 14.38
CA PRO A 24 8.27 -39.10 13.71
C PRO A 24 8.42 -38.31 12.42
N SER A 25 7.34 -37.75 11.89
CA SER A 25 7.51 -36.95 10.70
C SER A 25 7.79 -35.47 10.99
N ILE A 26 8.01 -35.12 12.26
CA ILE A 26 8.27 -33.74 12.68
C ILE A 26 9.74 -33.63 13.05
N GLU A 27 10.43 -32.64 12.52
CA GLU A 27 11.83 -32.41 12.90
C GLU A 27 11.91 -31.06 13.60
N ILE A 28 12.18 -31.07 14.90
CA ILE A 28 12.31 -29.81 15.63
C ILE A 28 13.73 -29.29 15.40
N VAL A 29 13.84 -28.18 14.69
CA VAL A 29 15.16 -27.65 14.36
C VAL A 29 15.70 -26.70 15.41
N GLY A 30 14.89 -26.24 16.36
CA GLY A 30 15.33 -25.31 17.36
C GLY A 30 14.17 -24.79 18.17
N ILE A 31 14.42 -24.39 19.42
CA ILE A 31 13.37 -23.96 20.34
C ILE A 31 13.83 -22.65 20.94
N SER A 32 13.08 -21.59 20.68
CA SER A 32 13.38 -20.28 21.26
C SER A 32 12.49 -20.00 22.47
N CYS A 33 13.01 -19.23 23.40
CA CYS A 33 12.40 -19.04 24.70
C CYS A 33 12.08 -17.56 24.89
N ILE A 34 10.96 -17.26 25.52
CA ILE A 34 10.54 -15.90 25.88
C ILE A 34 9.84 -15.98 27.24
N GLY A 35 9.96 -14.92 28.04
CA GLY A 35 9.28 -14.90 29.33
C GLY A 35 7.77 -14.82 29.17
N GLY A 36 7.05 -15.36 30.15
CA GLY A 36 5.59 -15.37 30.03
C GLY A 36 4.95 -16.01 31.24
N ASN A 37 4.62 -17.31 31.13
CA ASN A 37 4.23 -18.08 32.30
C ASN A 37 5.23 -17.94 33.44
N ALA A 38 6.52 -17.87 33.10
CA ALA A 38 7.59 -17.65 34.07
C ALA A 38 8.68 -16.81 33.41
N SER A 39 9.72 -16.52 34.18
CA SER A 39 10.85 -15.75 33.67
C SER A 39 11.60 -16.53 32.59
N LEU A 40 12.37 -15.80 31.77
CA LEU A 40 13.10 -16.44 30.68
C LEU A 40 13.99 -17.54 31.20
N GLN A 41 14.59 -17.31 32.36
CA GLN A 41 15.53 -18.25 32.91
C GLN A 41 14.84 -19.56 33.30
N ASN A 42 13.66 -19.47 33.91
CA ASN A 42 12.85 -20.65 34.21
C ASN A 42 12.38 -21.32 32.92
N VAL A 43 12.00 -20.54 31.91
CA VAL A 43 11.56 -21.10 30.63
C VAL A 43 12.65 -21.98 30.03
N ILE A 44 13.89 -21.48 30.03
CA ILE A 44 15.01 -22.27 29.51
C ILE A 44 15.18 -23.56 30.33
N ARG A 45 15.07 -23.46 31.66
CA ARG A 45 15.18 -24.67 32.46
C ARG A 45 14.04 -25.63 32.16
N ASN A 46 12.85 -25.10 31.89
CA ASN A 46 11.68 -25.95 31.68
C ASN A 46 11.75 -26.64 30.33
N VAL A 47 12.21 -25.94 29.30
CA VAL A 47 12.45 -26.63 28.03
C VAL A 47 13.47 -27.74 28.22
N ASN A 48 14.50 -27.49 29.03
CA ASN A 48 15.50 -28.52 29.29
C ASN A 48 14.86 -29.72 30.00
N ARG A 49 14.07 -29.47 31.06
CA ARG A 49 13.36 -30.57 31.73
C ARG A 49 12.55 -31.38 30.74
N THR A 50 11.76 -30.70 29.90
CA THR A 50 10.91 -31.43 28.96
C THR A 50 11.73 -32.34 28.05
N LEU A 51 12.79 -31.80 27.44
CA LEU A 51 13.62 -32.60 26.55
C LEU A 51 14.30 -33.76 27.28
N LYS A 52 14.72 -33.54 28.53
CA LYS A 52 15.40 -34.62 29.25
C LYS A 52 14.43 -35.75 29.59
N VAL A 53 13.21 -35.39 30.03
CA VAL A 53 12.19 -36.38 30.34
C VAL A 53 11.81 -37.19 29.10
N TRP A 54 11.60 -36.50 27.97
CA TRP A 54 11.32 -37.24 26.74
C TRP A 54 12.53 -38.07 26.31
N GLY A 55 13.74 -37.61 26.62
CA GLY A 55 14.93 -38.30 26.22
C GLY A 55 15.46 -37.97 24.85
N LYS A 56 15.28 -36.71 24.40
CA LYS A 56 15.93 -36.23 23.16
C LYS A 56 16.46 -34.83 23.46
N THR A 57 17.73 -34.76 23.89
CA THR A 57 18.38 -33.52 24.24
C THR A 57 19.18 -32.94 23.07
N ASP A 58 18.86 -33.38 21.86
CA ASP A 58 19.55 -33.10 20.61
C ASP A 58 19.12 -31.80 19.93
N ILE A 59 18.25 -31.00 20.53
CA ILE A 59 17.62 -29.87 19.86
C ILE A 59 18.19 -28.59 20.47
N PRO A 60 18.63 -27.63 19.67
CA PRO A 60 19.23 -26.41 20.24
C PRO A 60 18.16 -25.49 20.84
N ILE A 61 18.50 -24.90 21.99
CA ILE A 61 17.62 -24.04 22.76
C ILE A 61 18.24 -22.64 22.78
N PHE A 62 17.47 -21.63 22.39
CA PHE A 62 17.95 -20.26 22.31
C PHE A 62 17.16 -19.39 23.28
N GLY A 63 17.90 -18.51 23.99
CA GLY A 63 17.25 -17.54 24.85
C GLY A 63 16.90 -16.33 24.03
N GLY A 64 15.66 -15.86 24.17
CA GLY A 64 15.18 -14.68 23.46
C GLY A 64 15.11 -13.45 24.35
N CYS A 65 14.04 -12.67 24.17
CA CYS A 65 14.01 -11.41 24.89
C CYS A 65 13.66 -11.60 26.37
N GLN A 66 13.94 -10.55 27.16
CA GLN A 66 13.77 -10.54 28.61
C GLN A 66 12.48 -9.86 29.05
N ALA A 67 11.72 -9.30 28.13
CA ALA A 67 10.53 -8.54 28.48
C ALA A 67 9.69 -8.37 27.23
N PRO A 68 8.42 -8.01 27.36
CA PRO A 68 7.62 -7.69 26.19
C PRO A 68 8.23 -6.49 25.48
N LEU A 69 7.84 -6.33 24.21
CA LEU A 69 8.40 -5.25 23.40
C LEU A 69 8.33 -3.91 24.14
N VAL A 70 7.14 -3.53 24.59
CA VAL A 70 6.99 -2.23 25.24
C VAL A 70 6.11 -2.32 26.48
N GLN A 71 5.15 -3.26 26.49
CA GLN A 71 4.26 -3.33 27.65
C GLN A 71 5.04 -3.72 28.91
N PRO A 72 4.69 -3.18 30.07
CA PRO A 72 5.24 -3.69 31.32
C PRO A 72 4.80 -5.11 31.56
N LYS A 73 5.55 -5.83 32.41
CA LYS A 73 5.22 -7.21 32.70
C LYS A 73 3.89 -7.30 33.42
N MET A 74 3.05 -8.22 32.97
CA MET A 74 1.76 -8.42 33.59
C MET A 74 1.91 -8.75 35.08
N GLU A 75 0.87 -8.44 35.84
CA GLU A 75 0.78 -8.75 37.26
C GLU A 75 -0.36 -9.76 37.42
N ILE A 76 -0.02 -11.04 37.30
CA ILE A 76 -1.03 -12.09 37.24
C ILE A 76 -0.67 -13.18 38.24
N PRO A 77 -1.61 -14.04 38.55
CA PRO A 77 -1.33 -15.10 39.50
C PRO A 77 -0.55 -16.13 38.74
N HIS A 78 0.55 -16.61 39.23
CA HIS A 78 1.27 -17.60 38.46
C HIS A 78 0.58 -18.93 38.50
N ILE A 79 -0.31 -19.13 37.57
CA ILE A 79 -1.05 -20.33 37.49
C ILE A 79 -0.13 -21.51 37.23
N HIS A 80 0.92 -21.30 36.48
CA HIS A 80 1.81 -22.43 36.19
C HIS A 80 2.82 -22.67 37.31
N GLY A 81 2.59 -22.11 38.50
CA GLY A 81 3.50 -22.31 39.61
C GLY A 81 4.60 -21.27 39.62
N GLY A 82 5.50 -21.42 40.60
CA GLY A 82 6.59 -20.48 40.74
C GLY A 82 7.70 -20.66 39.71
N ASP A 83 7.95 -21.89 39.28
CA ASP A 83 8.97 -22.15 38.28
C ASP A 83 8.40 -22.18 36.87
N GLY A 84 7.11 -21.89 36.73
CA GLY A 84 6.43 -21.98 35.46
C GLY A 84 6.11 -23.39 34.99
N LEU A 85 6.46 -24.42 35.75
CA LEU A 85 6.14 -25.80 35.36
C LEU A 85 5.50 -26.57 36.51
N GLY A 86 4.58 -25.93 37.24
CA GLY A 86 3.87 -26.60 38.30
C GLY A 86 4.71 -26.99 39.49
N ASP A 87 5.89 -26.38 39.67
CA ASP A 87 6.73 -26.54 40.86
C ASP A 87 7.08 -28.01 41.12
N ILE A 88 7.49 -28.69 40.05
CA ILE A 88 7.87 -30.08 40.19
C ILE A 88 9.25 -30.19 40.80
N ASN A 89 9.54 -31.37 41.32
CA ASN A 89 10.80 -31.67 41.97
C ASN A 89 11.69 -32.36 40.96
N ASP A 90 12.85 -31.78 40.67
CA ASP A 90 13.76 -32.39 39.69
C ASP A 90 14.19 -33.78 40.11
N ASN A 91 14.19 -34.09 41.42
CA ASN A 91 14.53 -35.42 41.89
C ASN A 91 13.52 -36.47 41.44
N ASP A 92 12.25 -36.09 41.26
CA ASP A 92 11.27 -37.01 40.71
C ASP A 92 11.52 -37.33 39.25
N PHE A 93 12.47 -36.66 38.57
CA PHE A 93 12.63 -36.86 37.14
C PHE A 93 14.07 -37.05 36.69
N GLY A 94 15.03 -37.04 37.60
CA GLY A 94 16.43 -37.13 37.19
C GLY A 94 16.94 -35.94 36.43
N THR A 95 16.27 -34.79 36.52
CA THR A 95 16.61 -33.62 35.71
C THR A 95 17.55 -32.65 36.41
N ASN A 96 18.25 -33.08 37.47
CA ASN A 96 19.28 -32.26 38.14
C ASN A 96 20.60 -32.41 37.40
N THR A 97 20.59 -31.97 36.15
CA THR A 97 21.73 -32.06 35.26
C THR A 97 21.95 -30.70 34.62
N PRO A 98 23.15 -30.44 34.08
CA PRO A 98 23.37 -29.16 33.40
C PRO A 98 22.31 -28.90 32.33
N ASN A 99 22.00 -27.62 32.16
CA ASN A 99 21.05 -27.18 31.15
C ASN A 99 21.79 -26.71 29.91
N LYS A 100 21.25 -27.04 28.74
CA LYS A 100 21.83 -26.58 27.51
C LYS A 100 21.21 -25.25 27.11
N LEU A 101 21.99 -24.44 26.41
CA LEU A 101 21.52 -23.13 25.96
C LEU A 101 22.55 -22.63 24.96
N GLU A 102 22.12 -22.34 23.73
CA GLU A 102 23.07 -21.89 22.72
C GLU A 102 23.50 -20.46 23.01
N LYS A 103 24.57 -20.01 22.31
CA LYS A 103 25.11 -18.69 22.62
C LYS A 103 24.38 -17.58 21.87
N GLU A 104 23.86 -17.86 20.68
CA GLU A 104 23.18 -16.87 19.87
C GLU A 104 21.81 -16.54 20.44
N HIS A 105 21.48 -15.26 20.40
CA HIS A 105 20.14 -14.79 20.78
C HIS A 105 19.10 -15.43 19.86
N ALA A 106 17.91 -15.71 20.41
CA ALA A 106 16.89 -16.42 19.65
C ALA A 106 16.47 -15.66 18.39
N VAL A 107 16.43 -14.33 18.46
CA VAL A 107 16.04 -13.56 17.27
C VAL A 107 16.99 -13.83 16.13
N ASN A 108 18.30 -13.68 16.38
CA ASN A 108 19.29 -13.92 15.32
C ASN A 108 19.28 -15.38 14.88
N ALA A 109 19.14 -16.30 15.82
CA ALA A 109 19.04 -17.71 15.44
C ALA A 109 17.82 -17.96 14.53
N LEU A 110 16.65 -17.37 14.86
CA LEU A 110 15.48 -17.60 14.02
C LEU A 110 15.68 -17.04 12.62
N ILE A 111 16.18 -15.81 12.52
CA ILE A 111 16.52 -15.23 11.22
C ILE A 111 17.43 -16.17 10.44
N HIS A 112 18.47 -16.68 11.09
CA HIS A 112 19.41 -17.55 10.40
C HIS A 112 18.74 -18.82 9.93
N ALA A 113 17.87 -19.40 10.77
CA ALA A 113 17.14 -20.60 10.36
C ALA A 113 16.24 -20.31 9.17
N ALA A 114 15.49 -19.21 9.22
CA ALA A 114 14.63 -18.84 8.11
C ALA A 114 15.43 -18.60 6.83
N ASN A 115 16.67 -18.16 6.96
CA ASN A 115 17.49 -17.90 5.78
C ASN A 115 18.11 -19.16 5.19
N THR A 116 18.27 -20.22 5.98
CA THR A 116 19.05 -21.37 5.53
C THR A 116 18.28 -22.68 5.50
N ILE A 117 17.12 -22.77 6.15
CA ILE A 117 16.39 -24.03 6.26
C ILE A 117 15.16 -23.95 5.38
N GLU A 118 15.07 -24.86 4.41
CA GLU A 118 14.00 -24.80 3.44
C GLU A 118 12.71 -25.42 4.01
N ASP A 119 11.59 -24.85 3.60
CA ASP A 119 10.27 -25.28 4.07
C ASP A 119 10.19 -25.22 5.60
N LEU A 120 10.71 -24.14 6.19
CA LEU A 120 10.62 -24.00 7.64
C LEU A 120 9.22 -23.58 8.04
N ASN A 121 8.72 -24.16 9.13
CA ASN A 121 7.48 -23.76 9.78
C ASN A 121 7.78 -23.40 11.23
N ILE A 122 6.90 -22.61 11.82
CA ILE A 122 7.08 -22.15 13.19
C ILE A 122 5.77 -22.35 13.96
N LEU A 123 5.90 -22.84 15.18
CA LEU A 123 4.79 -22.99 16.10
C LEU A 123 5.04 -22.03 17.26
N CYS A 124 4.17 -21.03 17.42
CA CYS A 124 4.37 -19.99 18.41
C CYS A 124 3.43 -20.26 19.57
N LEU A 125 4.00 -20.50 20.75
CA LEU A 125 3.24 -20.91 21.92
C LEU A 125 3.24 -19.85 23.01
N ALA A 126 3.64 -18.59 22.70
CA ALA A 126 3.96 -17.61 23.73
C ALA A 126 3.70 -16.19 23.25
N PRO A 127 3.82 -15.15 24.09
CA PRO A 127 3.82 -13.78 23.54
C PRO A 127 4.82 -13.70 22.40
N LEU A 128 4.47 -12.94 21.36
CA LEU A 128 5.18 -13.04 20.10
C LEU A 128 6.41 -12.13 20.03
N THR A 129 6.93 -11.71 21.17
CA THR A 129 8.04 -10.75 21.24
C THR A 129 9.23 -11.15 20.36
N ASN A 130 9.75 -12.38 20.51
CA ASN A 130 10.88 -12.80 19.69
C ASN A 130 10.55 -12.72 18.20
N ILE A 131 9.33 -13.12 17.83
CA ILE A 131 8.99 -13.18 16.40
C ILE A 131 8.84 -11.78 15.82
N ALA A 132 8.24 -10.85 16.58
CA ALA A 132 8.00 -9.51 16.10
C ALA A 132 9.31 -8.74 15.91
N ILE A 133 10.28 -8.97 16.81
CA ILE A 133 11.59 -8.36 16.67
C ILE A 133 12.30 -8.91 15.44
N ALA A 134 12.22 -10.23 15.23
CA ALA A 134 12.81 -10.82 14.02
C ALA A 134 12.17 -10.26 12.77
N LEU A 135 10.85 -10.04 12.79
CA LEU A 135 10.18 -9.45 11.64
C LEU A 135 10.57 -7.99 11.46
N SER A 136 10.85 -7.28 12.55
CA SER A 136 11.25 -5.89 12.43
C SER A 136 12.65 -5.78 11.84
N MET A 137 13.56 -6.65 12.26
CA MET A 137 14.95 -6.60 11.80
C MET A 137 15.12 -7.11 10.38
N ALA A 138 14.45 -8.20 10.04
CA ALA A 138 14.72 -8.92 8.80
C ALA A 138 13.43 -9.52 8.28
N PRO A 139 12.46 -8.67 7.88
CA PRO A 139 11.19 -9.21 7.36
C PRO A 139 11.38 -10.10 6.15
N GLU A 140 12.41 -9.85 5.34
CA GLU A 140 12.62 -10.67 4.14
C GLU A 140 12.98 -12.10 4.53
N ALA A 141 13.78 -12.27 5.58
CA ALA A 141 14.16 -13.60 6.03
C ALA A 141 12.97 -14.33 6.66
N ILE A 142 12.29 -13.67 7.61
CA ILE A 142 11.18 -14.37 8.27
C ILE A 142 10.07 -14.68 7.28
N LEU A 143 9.87 -13.84 6.26
CA LEU A 143 8.83 -14.11 5.27
C LEU A 143 9.15 -15.32 4.40
N LYS A 144 10.37 -15.87 4.50
CA LYS A 144 10.66 -17.14 3.83
C LYS A 144 9.97 -18.31 4.52
N ILE A 145 9.58 -18.14 5.79
CA ILE A 145 8.95 -19.22 6.54
C ILE A 145 7.67 -19.67 5.83
N LYS A 146 7.54 -20.98 5.65
CA LYS A 146 6.41 -21.49 4.87
C LYS A 146 5.07 -21.27 5.57
N HIS A 147 5.02 -21.40 6.91
CA HIS A 147 3.73 -21.23 7.60
C HIS A 147 3.95 -20.93 9.09
N PHE A 148 3.05 -20.10 9.65
CA PHE A 148 2.98 -19.78 11.08
C PHE A 148 1.80 -20.52 11.70
N TYR A 149 2.05 -21.26 12.78
CA TYR A 149 0.99 -21.80 13.63
C TYR A 149 1.06 -21.10 14.97
N ILE A 150 -0.02 -20.47 15.40
CA ILE A 150 0.02 -19.57 16.54
C ILE A 150 -1.08 -19.89 17.54
N MET A 151 -0.69 -20.15 18.78
CA MET A 151 -1.63 -20.16 19.90
C MET A 151 -1.74 -18.73 20.43
N GLY A 152 -2.92 -18.13 20.28
CA GLY A 152 -3.18 -16.85 20.89
C GLY A 152 -4.48 -16.24 20.42
N GLY A 153 -4.90 -15.19 21.12
CA GLY A 153 -6.07 -14.44 20.75
C GLY A 153 -7.36 -15.18 21.10
N ALA A 154 -8.47 -14.49 20.89
CA ALA A 154 -9.81 -15.08 21.06
C ALA A 154 -10.73 -14.33 20.09
N GLU A 155 -11.09 -14.99 18.99
CA GLU A 155 -11.83 -14.32 17.92
C GLU A 155 -13.22 -13.90 18.37
N ASN A 156 -13.81 -14.63 19.32
CA ASN A 156 -15.12 -14.26 19.85
C ASN A 156 -15.04 -13.12 20.86
N GLY A 157 -13.82 -12.66 21.17
CA GLY A 157 -13.63 -11.56 22.07
C GLY A 157 -13.64 -11.92 23.54
N LYS A 158 -13.67 -13.21 23.89
CA LYS A 158 -13.70 -13.66 25.28
C LYS A 158 -12.30 -14.14 25.65
N GLY A 159 -11.58 -13.31 26.42
CA GLY A 159 -10.20 -13.60 26.80
C GLY A 159 -10.12 -14.45 28.04
N ASN A 160 -8.89 -14.65 28.52
CA ASN A 160 -8.67 -15.32 29.80
C ASN A 160 -8.02 -14.40 30.82
N ILE A 161 -6.86 -13.83 30.49
CA ILE A 161 -6.14 -12.96 31.44
C ILE A 161 -6.87 -11.64 31.61
N THR A 162 -7.60 -11.20 30.61
CA THR A 162 -8.56 -10.10 30.71
C THR A 162 -9.89 -10.58 30.14
N PRO A 163 -10.99 -9.90 30.45
CA PRO A 163 -12.27 -10.24 29.80
C PRO A 163 -12.21 -10.26 28.30
N TYR A 164 -11.34 -9.46 27.70
CA TYR A 164 -11.24 -9.35 26.25
C TYR A 164 -10.00 -10.03 25.67
N GLY A 165 -8.97 -10.27 26.48
CA GLY A 165 -7.69 -10.70 25.93
C GLY A 165 -7.19 -12.05 26.35
N GLU A 166 -6.80 -12.86 25.37
CA GLU A 166 -6.04 -14.07 25.64
C GLU A 166 -4.60 -13.71 26.04
N PHE A 167 -3.98 -14.56 26.88
CA PHE A 167 -2.77 -14.17 27.61
C PHE A 167 -1.61 -13.79 26.69
N ASN A 168 -1.31 -14.62 25.69
CA ASN A 168 -0.14 -14.41 24.84
C ASN A 168 -0.21 -13.06 24.15
N TRP A 169 -1.38 -12.73 23.59
CA TRP A 169 -1.52 -11.51 22.81
C TRP A 169 -1.76 -10.29 23.67
N ARG A 170 -2.36 -10.46 24.85
CA ARG A 170 -2.42 -9.36 25.81
C ARG A 170 -1.07 -9.07 26.46
N ALA A 171 -0.26 -10.11 26.71
CA ALA A 171 1.05 -9.85 27.31
C ALA A 171 1.95 -8.99 26.41
N ASP A 172 1.84 -9.13 25.08
CA ASP A 172 2.58 -8.29 24.15
C ASP A 172 1.75 -8.01 22.91
N PRO A 173 0.79 -7.09 23.02
CA PRO A 173 -0.11 -6.85 21.88
C PRO A 173 0.58 -6.23 20.69
N GLU A 174 1.57 -5.36 20.93
CA GLU A 174 2.35 -4.78 19.83
C GLU A 174 3.05 -5.85 19.03
N ALA A 175 3.71 -6.80 19.71
CA ALA A 175 4.31 -7.92 19.01
C ALA A 175 3.29 -8.65 18.16
N ALA A 176 2.10 -8.91 18.73
CA ALA A 176 1.07 -9.61 17.96
C ALA A 176 0.64 -8.80 16.75
N GLN A 177 0.45 -7.49 16.92
CA GLN A 177 0.10 -6.63 15.79
C GLN A 177 1.19 -6.67 14.74
N ILE A 178 2.46 -6.66 15.18
CA ILE A 178 3.56 -6.72 14.23
C ILE A 178 3.48 -7.99 13.39
N VAL A 179 3.30 -9.15 14.04
CA VAL A 179 3.19 -10.39 13.27
C VAL A 179 2.04 -10.27 12.27
N LEU A 180 0.86 -9.85 12.75
CA LEU A 180 -0.35 -9.88 11.94
C LEU A 180 -0.32 -8.92 10.77
N GLN A 181 0.45 -7.83 10.85
CA GLN A 181 0.49 -6.89 9.73
C GLN A 181 1.76 -7.03 8.90
N THR A 182 2.64 -7.97 9.23
CA THR A 182 3.88 -8.22 8.47
C THR A 182 3.95 -9.60 7.86
N TYR A 183 3.58 -10.65 8.60
CA TYR A 183 3.61 -11.97 7.96
C TYR A 183 2.25 -12.26 7.35
N PRO A 184 2.23 -12.77 6.12
CA PRO A 184 0.95 -12.99 5.42
C PRO A 184 -0.04 -13.76 6.26
N GLN A 185 -1.18 -13.14 6.58
CA GLN A 185 -2.19 -13.80 7.39
C GLN A 185 -2.71 -15.07 6.72
N TYR A 186 -2.68 -15.13 5.39
CA TYR A 186 -3.13 -16.33 4.70
C TYR A 186 -2.24 -17.52 5.00
N GLN A 187 -0.96 -17.28 5.30
CA GLN A 187 -0.06 -18.36 5.66
C GLN A 187 0.00 -18.58 7.18
N THR A 188 -1.01 -18.13 7.92
CA THR A 188 -1.05 -18.22 9.37
C THR A 188 -2.28 -19.01 9.80
N THR A 189 -2.09 -19.99 10.68
CA THR A 189 -3.16 -20.72 11.32
C THR A 189 -3.20 -20.37 12.80
N ILE A 190 -4.38 -20.05 13.32
CA ILE A 190 -4.57 -19.62 14.69
C ILE A 190 -5.27 -20.70 15.48
N ALA A 191 -4.68 -21.12 16.60
CA ALA A 191 -5.36 -21.90 17.63
C ALA A 191 -5.66 -20.95 18.80
N SER A 192 -6.89 -20.44 18.84
CA SER A 192 -7.26 -19.39 19.76
C SER A 192 -7.65 -19.94 21.13
N TRP A 193 -7.75 -19.03 22.09
CA TRP A 193 -8.34 -19.37 23.38
C TRP A 193 -9.80 -19.79 23.23
N THR A 194 -10.51 -19.21 22.25
CA THR A 194 -11.87 -19.64 21.95
C THR A 194 -11.89 -21.11 21.55
N LEU A 195 -10.89 -21.54 20.80
CA LEU A 195 -10.76 -22.96 20.52
C LEU A 195 -10.44 -23.74 21.79
N ALA A 196 -9.70 -23.11 22.71
CA ALA A 196 -9.18 -23.80 23.88
C ALA A 196 -10.29 -24.25 24.81
N VAL A 197 -11.23 -23.38 25.13
CA VAL A 197 -12.22 -23.87 26.11
C VAL A 197 -13.48 -24.40 25.45
N PHE A 198 -13.66 -24.17 24.15
CA PHE A 198 -14.60 -25.02 23.41
C PHE A 198 -14.20 -26.48 23.52
N ASN A 199 -12.91 -26.78 23.32
CA ASN A 199 -12.40 -28.14 23.48
C ASN A 199 -11.92 -28.42 24.89
N SER A 200 -12.50 -27.77 25.90
CA SER A 200 -12.11 -27.99 27.28
C SER A 200 -12.65 -29.33 27.78
N PHE A 201 -11.79 -30.08 28.47
CA PHE A 201 -12.13 -31.34 29.10
C PHE A 201 -12.23 -31.15 30.61
N ASN A 202 -13.09 -31.93 31.26
CA ASN A 202 -13.09 -31.97 32.72
C ASN A 202 -12.24 -33.18 33.14
N ALA A 203 -11.25 -32.92 33.98
CA ALA A 203 -10.20 -33.89 34.25
C ALA A 203 -10.64 -35.02 35.16
N ASN A 204 -11.77 -34.88 35.85
CA ASN A 204 -12.24 -35.98 36.67
C ASN A 204 -13.07 -36.98 35.89
N ASP A 205 -13.40 -36.69 34.63
CA ASP A 205 -14.02 -37.66 33.74
C ASP A 205 -13.06 -38.20 32.68
N TYR A 206 -11.92 -37.54 32.47
CA TYR A 206 -10.87 -38.01 31.57
C TYR A 206 -9.60 -38.25 32.36
N ASP A 207 -8.85 -39.28 32.00
CA ASP A 207 -7.69 -39.66 32.78
C ASP A 207 -6.35 -39.49 32.06
N PHE A 208 -6.33 -39.02 30.81
CA PHE A 208 -5.10 -39.02 30.03
C PHE A 208 -4.03 -38.07 30.55
N PHE A 209 -4.36 -37.19 31.51
CA PHE A 209 -3.36 -36.41 32.25
C PHE A 209 -3.16 -36.94 33.66
N ASN A 210 -3.58 -38.18 33.93
CA ASN A 210 -3.45 -38.75 35.26
C ASN A 210 -3.02 -40.22 35.21
N LEU A 211 -1.96 -40.52 34.45
CA LEU A 211 -1.39 -41.88 34.39
C LEU A 211 -0.09 -41.95 35.20
N ASP A 212 0.35 -43.17 35.55
CA ASP A 212 1.71 -43.41 36.09
C ASP A 212 2.26 -44.67 35.43
N GLY A 213 3.52 -44.93 35.69
CA GLY A 213 4.20 -46.09 35.16
C GLY A 213 5.43 -45.79 34.34
N ASN A 214 5.60 -44.54 33.87
CA ASN A 214 6.83 -44.15 33.22
C ASN A 214 7.07 -42.65 33.40
N LEU A 215 8.23 -42.18 32.95
CA LEU A 215 8.67 -40.81 33.21
C LEU A 215 7.79 -39.77 32.52
N VAL A 216 7.29 -40.08 31.32
CA VAL A 216 6.45 -39.13 30.59
C VAL A 216 5.08 -38.99 31.25
N ARG A 217 4.51 -40.12 31.69
CA ARG A 217 3.26 -40.08 32.44
C ARG A 217 3.38 -39.30 33.74
N ARG A 218 4.45 -39.56 34.51
CA ARG A 218 4.68 -38.80 35.74
C ARG A 218 4.84 -37.31 35.46
N PHE A 219 5.61 -36.96 34.43
CA PHE A 219 5.80 -35.55 34.05
C PHE A 219 4.48 -34.86 33.74
N ILE A 220 3.72 -35.42 32.80
CA ILE A 220 2.43 -34.85 32.42
C ILE A 220 1.50 -34.78 33.63
N ARG A 221 1.46 -35.86 34.41
CA ARG A 221 0.55 -35.89 35.55
C ARG A 221 0.92 -34.83 36.58
N GLU A 222 2.20 -34.74 36.93
CA GLU A 222 2.60 -33.79 37.95
C GLU A 222 2.50 -32.36 37.47
N THR A 223 2.91 -32.08 36.22
CA THR A 223 2.89 -30.69 35.76
C THR A 223 1.47 -30.17 35.63
N TRP A 224 0.52 -30.99 35.19
CA TRP A 224 -0.83 -30.47 34.97
C TRP A 224 -1.62 -30.33 36.28
N LYS A 225 -1.15 -30.91 37.38
CA LYS A 225 -1.86 -30.86 38.66
C LYS A 225 -2.33 -29.45 39.04
N PRO A 226 -1.48 -28.42 39.08
CA PRO A 226 -1.98 -27.11 39.47
C PRO A 226 -2.95 -26.50 38.48
N ILE A 227 -2.74 -26.68 37.17
CA ILE A 227 -3.69 -26.11 36.21
C ILE A 227 -5.07 -26.71 36.41
N ILE A 228 -5.13 -28.02 36.67
CA ILE A 228 -6.40 -28.69 36.95
C ILE A 228 -7.01 -28.17 38.23
N ALA A 229 -6.18 -27.90 39.21
CA ALA A 229 -6.66 -27.45 40.47
C ALA A 229 -7.25 -26.06 40.37
N PHE A 230 -6.91 -25.37 39.32
CA PHE A 230 -7.36 -24.02 39.10
C PHE A 230 -8.86 -23.81 38.92
N ASP A 231 -9.47 -24.38 37.90
CA ASP A 231 -10.89 -24.15 37.64
C ASP A 231 -11.70 -25.38 37.82
N GLY A 232 -11.66 -25.91 39.02
CA GLY A 232 -12.42 -27.07 39.33
C GLY A 232 -12.22 -28.25 38.43
N GLY A 233 -11.01 -28.47 37.93
CA GLY A 233 -10.87 -29.69 37.15
C GLY A 233 -11.11 -29.53 35.66
N ARG A 234 -11.19 -28.31 35.16
CA ARG A 234 -11.38 -28.05 33.75
C ARG A 234 -10.03 -27.70 33.13
N ILE A 235 -9.62 -28.48 32.13
CA ILE A 235 -8.38 -28.27 31.40
C ILE A 235 -8.74 -27.72 30.03
N CYS A 236 -8.15 -26.58 29.72
CA CYS A 236 -8.31 -25.92 28.44
C CYS A 236 -6.96 -25.98 27.73
N PRO A 237 -6.70 -27.01 26.94
CA PRO A 237 -5.32 -27.37 26.52
C PRO A 237 -4.85 -26.56 25.31
N ALA A 238 -4.67 -25.25 25.51
CA ALA A 238 -4.45 -24.33 24.39
C ALA A 238 -3.21 -24.70 23.57
N ASP A 239 -2.03 -24.69 24.20
CA ASP A 239 -0.81 -24.99 23.45
C ASP A 239 -0.79 -26.41 22.87
N PRO A 240 -1.21 -27.45 23.58
CA PRO A 240 -1.31 -28.78 22.92
C PRO A 240 -2.19 -28.77 21.71
N LEU A 241 -3.27 -27.99 21.72
CA LEU A 241 -4.14 -27.90 20.56
C LEU A 241 -3.42 -27.26 19.39
N ALA A 242 -2.63 -26.20 19.66
CA ALA A 242 -1.83 -25.57 18.61
C ALA A 242 -0.84 -26.57 18.00
N ALA A 243 -0.14 -27.34 18.84
CA ALA A 243 0.78 -28.32 18.30
C ALA A 243 0.04 -29.42 17.54
N PHE A 244 -1.07 -29.90 18.10
CA PHE A 244 -1.93 -30.88 17.41
C PHE A 244 -2.27 -30.41 16.01
N ILE A 245 -2.75 -29.17 15.88
CA ILE A 245 -3.05 -28.60 14.57
C ILE A 245 -1.79 -28.55 13.70
N ALA A 246 -0.66 -28.12 14.28
CA ALA A 246 0.54 -27.96 13.46
C ALA A 246 1.02 -29.30 12.93
N VAL A 247 0.90 -30.35 13.75
CA VAL A 247 1.50 -31.64 13.39
C VAL A 247 0.55 -32.47 12.53
N TYR A 248 -0.76 -32.43 12.80
CA TYR A 248 -1.68 -33.34 12.10
C TYR A 248 -2.53 -32.65 11.04
N GLY A 249 -2.27 -31.36 10.75
CA GLY A 249 -2.78 -30.75 9.53
C GLY A 249 -4.29 -30.79 9.40
N ASP A 250 -4.76 -31.22 8.23
CA ASP A 250 -6.21 -31.25 8.00
C ASP A 250 -6.91 -32.27 8.89
N ARG A 251 -6.24 -33.40 9.17
CA ARG A 251 -6.83 -34.43 10.02
C ARG A 251 -7.14 -33.90 11.42
N ALA A 252 -6.45 -32.82 11.86
CA ALA A 252 -6.71 -32.22 13.16
C ALA A 252 -7.87 -31.25 13.15
N ILE A 253 -8.26 -30.72 12.00
CA ILE A 253 -9.19 -29.60 11.91
C ILE A 253 -10.56 -30.09 11.50
N LYS A 254 -11.56 -29.88 12.36
CA LYS A 254 -12.94 -30.15 11.99
C LYS A 254 -13.58 -28.98 11.23
N ARG A 255 -13.57 -27.77 11.82
CA ARG A 255 -14.14 -26.58 11.21
C ARG A 255 -13.16 -25.41 11.39
N ALA A 256 -13.11 -24.52 10.38
CA ALA A 256 -12.31 -23.31 10.48
C ALA A 256 -12.91 -22.21 9.60
N GLU A 257 -12.54 -20.96 9.93
CA GLU A 257 -12.93 -19.77 9.19
C GLU A 257 -11.71 -18.94 8.84
N ARG A 258 -11.72 -18.38 7.62
CA ARG A 258 -10.69 -17.47 7.16
C ARG A 258 -11.03 -16.06 7.62
N LEU A 259 -10.22 -15.52 8.53
CA LEU A 259 -10.51 -14.23 9.13
C LEU A 259 -9.24 -13.38 9.14
N HIS A 260 -9.39 -12.13 8.72
CA HIS A 260 -8.34 -11.14 8.95
C HIS A 260 -8.41 -10.69 10.40
N LEU A 261 -7.27 -10.71 11.06
CA LEU A 261 -7.18 -10.37 12.48
C LEU A 261 -6.38 -9.09 12.69
N SER A 262 -6.77 -8.36 13.74
CA SER A 262 -6.22 -7.08 14.15
C SER A 262 -6.19 -7.04 15.66
N MET A 263 -5.25 -6.27 16.21
CA MET A 263 -5.11 -6.06 17.64
C MET A 263 -5.74 -4.74 18.06
N VAL A 264 -6.34 -4.73 19.25
CA VAL A 264 -6.74 -3.51 19.94
C VAL A 264 -5.54 -3.05 20.78
N LEU A 265 -4.99 -1.89 20.46
CA LEU A 265 -3.75 -1.47 21.09
C LEU A 265 -3.93 -0.36 22.11
N GLU A 266 -5.17 -0.10 22.55
CA GLU A 266 -5.45 0.95 23.52
C GLU A 266 -6.79 0.70 24.18
N GLY A 267 -6.94 1.22 25.40
CA GLY A 267 -8.22 1.14 26.08
C GLY A 267 -8.41 -0.16 26.84
N GLU A 268 -9.62 -0.34 27.37
CA GLU A 268 -9.87 -1.48 28.25
C GLU A 268 -9.82 -2.80 27.49
N LYS A 269 -10.03 -2.79 26.17
CA LYS A 269 -9.94 -4.00 25.36
C LYS A 269 -8.54 -4.26 24.82
N LEU A 270 -7.53 -3.58 25.35
CA LEU A 270 -6.14 -3.78 24.94
C LEU A 270 -5.80 -5.26 24.94
N GLY A 271 -5.34 -5.76 23.79
CA GLY A 271 -4.97 -7.15 23.66
C GLY A 271 -6.02 -8.04 23.02
N MET A 272 -7.22 -7.51 22.76
CA MET A 272 -8.26 -8.31 22.11
C MET A 272 -7.98 -8.39 20.61
N SER A 273 -8.34 -9.53 20.03
CA SER A 273 -8.23 -9.74 18.60
C SER A 273 -9.57 -9.43 17.91
N LEU A 274 -9.56 -8.47 17.01
CA LEU A 274 -10.67 -8.24 16.09
C LEU A 274 -10.56 -9.22 14.93
N ALA A 275 -11.71 -9.70 14.45
CA ALA A 275 -11.74 -10.68 13.37
C ALA A 275 -12.80 -10.25 12.36
N GLU A 276 -12.47 -10.32 11.06
CA GLU A 276 -13.38 -9.97 9.99
C GLU A 276 -13.21 -10.96 8.84
N PRO A 277 -14.30 -11.56 8.37
CA PRO A 277 -14.19 -12.55 7.30
C PRO A 277 -13.38 -12.03 6.13
N ASP A 278 -12.44 -12.84 5.66
CA ASP A 278 -11.49 -12.45 4.63
C ASP A 278 -10.77 -13.70 4.15
N GLU A 279 -10.85 -13.96 2.85
CA GLU A 279 -10.31 -15.18 2.27
C GLU A 279 -8.79 -15.18 2.20
N LYS A 280 -8.15 -14.04 2.41
CA LYS A 280 -6.69 -13.98 2.48
C LYS A 280 -6.19 -13.76 3.90
N GLY A 281 -7.04 -13.96 4.90
CA GLY A 281 -6.67 -13.81 6.29
C GLY A 281 -6.25 -15.12 6.94
N CYS A 282 -6.19 -15.09 8.28
CA CYS A 282 -5.75 -16.24 9.05
C CYS A 282 -6.77 -17.37 9.05
N LEU A 283 -6.27 -18.61 8.95
CA LEU A 283 -7.10 -19.80 9.12
C LEU A 283 -7.33 -20.01 10.61
N VAL A 284 -8.48 -19.54 11.09
CA VAL A 284 -8.78 -19.57 12.51
C VAL A 284 -9.57 -20.85 12.80
N VAL A 285 -8.95 -21.78 13.53
CA VAL A 285 -9.58 -23.07 13.77
C VAL A 285 -10.74 -22.91 14.74
N LYS A 286 -11.89 -23.49 14.38
CA LYS A 286 -13.09 -23.43 15.20
C LYS A 286 -13.40 -24.74 15.93
N GLU A 287 -13.01 -25.89 15.39
CA GLU A 287 -13.22 -27.14 16.09
C GLU A 287 -12.18 -28.15 15.64
N CYS A 288 -11.64 -28.90 16.61
CA CYS A 288 -10.60 -29.90 16.41
C CYS A 288 -11.21 -31.30 16.51
N ASP A 289 -10.55 -32.28 15.91
CA ASP A 289 -10.92 -33.69 16.08
C ASP A 289 -10.53 -34.14 17.47
N ALA A 290 -11.45 -33.96 18.43
CA ALA A 290 -11.12 -34.20 19.84
C ALA A 290 -10.72 -35.65 20.08
N GLU A 291 -11.34 -36.57 19.34
CA GLU A 291 -11.06 -37.99 19.51
C GLU A 291 -9.63 -38.31 19.11
N LEU A 292 -9.22 -37.84 17.93
CA LEU A 292 -7.83 -38.00 17.53
C LEU A 292 -6.88 -37.30 18.50
N PHE A 293 -7.31 -36.18 19.09
CA PHE A 293 -6.43 -35.43 20.00
C PHE A 293 -6.13 -36.26 21.24
N VAL A 294 -7.17 -36.79 21.88
CA VAL A 294 -6.97 -37.65 23.05
C VAL A 294 -6.11 -38.86 22.67
N LYS A 295 -6.35 -39.42 21.48
CA LYS A 295 -5.57 -40.55 21.02
C LYS A 295 -4.09 -40.21 20.95
N ILE A 296 -3.77 -39.06 20.37
CA ILE A 296 -2.40 -38.58 20.27
C ILE A 296 -1.77 -38.42 21.65
N LEU A 297 -2.53 -37.87 22.60
CA LEU A 297 -2.02 -37.64 23.95
C LEU A 297 -1.71 -38.94 24.67
N ARG A 298 -2.53 -39.98 24.42
CA ARG A 298 -2.31 -41.27 25.07
C ARG A 298 -1.10 -41.99 24.47
N GLU A 299 -0.95 -41.94 23.14
CA GLU A 299 0.08 -42.73 22.47
C GLU A 299 1.48 -42.31 22.89
N LEU A 300 1.70 -41.00 23.06
CA LEU A 300 3.03 -40.54 23.47
C LEU A 300 3.36 -40.94 24.90
N GLN A 301 2.36 -41.25 25.72
CA GLN A 301 2.54 -41.75 27.09
C GLN A 301 2.54 -43.28 27.19
N ASP A 302 2.38 -43.99 26.08
CA ASP A 302 2.27 -45.44 26.14
C ASP A 302 3.59 -46.07 26.56
N HIS A 303 3.52 -47.11 27.40
CA HIS A 303 4.74 -47.84 27.73
C HIS A 303 5.31 -48.50 26.48
N GLN A 304 4.42 -49.00 25.62
CA GLN A 304 4.69 -49.85 24.44
C GLN A 304 5.73 -50.93 24.69
N MET B 1 36.36 11.80 21.64
CA MET B 1 35.00 11.29 21.89
C MET B 1 34.55 10.34 20.78
N LYS B 2 34.29 9.08 21.12
CA LYS B 2 33.81 8.11 20.13
C LYS B 2 32.30 8.19 20.01
N LEU B 3 31.78 8.34 18.79
CA LEU B 3 30.38 8.66 18.60
C LEU B 3 29.76 7.73 17.58
N TRP B 4 28.63 7.13 17.94
CA TRP B 4 27.77 6.42 17.01
C TRP B 4 26.64 7.36 16.60
N ILE B 5 26.27 7.34 15.33
CA ILE B 5 25.21 8.22 14.83
C ILE B 5 24.12 7.37 14.20
N ASP B 6 22.88 7.60 14.62
CA ASP B 6 21.70 6.92 14.06
C ASP B 6 20.85 8.00 13.37
N THR B 7 20.49 7.78 12.10
CA THR B 7 19.94 8.88 11.32
C THR B 7 18.95 8.36 10.27
N ASP B 8 18.02 9.23 9.90
CA ASP B 8 17.14 9.05 8.75
C ASP B 8 17.50 10.15 7.75
N CYS B 9 18.81 10.39 7.63
CA CYS B 9 19.45 11.41 6.82
C CYS B 9 18.54 11.94 5.75
N GLY B 10 17.77 12.91 6.19
CA GLY B 10 17.35 14.00 5.41
C GLY B 10 18.24 15.20 5.64
N ILE B 11 17.68 16.37 5.37
CA ILE B 11 18.48 17.56 5.19
C ILE B 11 19.16 17.97 6.48
N ASP B 12 18.42 18.08 7.56
CA ASP B 12 19.10 18.61 8.73
C ASP B 12 20.01 17.56 9.35
N ASP B 13 19.73 16.25 9.16
CA ASP B 13 20.67 15.22 9.59
C ASP B 13 22.03 15.42 8.95
N ALA B 14 22.03 15.69 7.64
CA ALA B 14 23.28 15.75 6.89
C ALA B 14 24.18 16.83 7.47
N THR B 15 23.59 17.99 7.78
CA THR B 15 24.34 19.07 8.38
C THR B 15 24.79 18.71 9.78
N ALA B 16 23.96 17.98 10.53
CA ALA B 16 24.38 17.48 11.84
C ALA B 16 25.56 16.54 11.70
N ILE B 17 25.52 15.64 10.72
CA ILE B 17 26.66 14.75 10.52
C ILE B 17 27.92 15.55 10.21
N LEU B 18 27.78 16.58 9.38
CA LEU B 18 28.93 17.41 9.02
C LEU B 18 29.53 18.13 10.24
N ILE B 19 28.68 18.52 11.20
CA ILE B 19 29.19 19.12 12.43
C ILE B 19 30.12 18.16 13.16
N CYS B 20 29.71 16.88 13.24
CA CYS B 20 30.53 15.85 13.85
C CYS B 20 31.82 15.65 13.08
N LEU B 21 31.74 15.56 11.75
CA LEU B 21 32.94 15.37 10.92
C LEU B 21 33.91 16.53 11.03
N ALA B 22 33.38 17.74 11.22
CA ALA B 22 34.24 18.92 11.18
C ALA B 22 35.01 19.12 12.47
N ASN B 23 34.64 18.45 13.57
CA ASN B 23 35.35 18.68 14.83
C ASN B 23 36.38 17.59 15.02
N PRO B 24 37.68 17.93 15.07
CA PRO B 24 38.70 16.88 15.01
C PRO B 24 38.83 16.08 16.29
N SER B 25 38.20 16.47 17.39
CA SER B 25 38.19 15.61 18.55
C SER B 25 37.06 14.58 18.54
N ILE B 26 36.26 14.50 17.47
CA ILE B 26 35.17 13.51 17.36
C ILE B 26 35.62 12.38 16.44
N GLU B 27 35.44 11.15 16.89
CA GLU B 27 35.62 9.98 16.05
C GLU B 27 34.27 9.30 15.85
N ILE B 28 33.75 9.36 14.63
CA ILE B 28 32.52 8.67 14.26
C ILE B 28 32.86 7.22 13.99
N VAL B 29 32.38 6.32 14.84
CA VAL B 29 32.76 4.93 14.69
C VAL B 29 31.81 4.14 13.82
N GLY B 30 30.65 4.70 13.50
CA GLY B 30 29.71 4.06 12.59
C GLY B 30 28.43 4.85 12.54
N ILE B 31 27.70 4.74 11.43
CA ILE B 31 26.46 5.45 11.21
C ILE B 31 25.38 4.44 10.87
N SER B 32 24.31 4.37 11.66
CA SER B 32 23.22 3.46 11.37
C SER B 32 22.05 4.23 10.79
N CYS B 33 21.34 3.59 9.87
CA CYS B 33 20.29 4.23 9.10
C CYS B 33 18.93 3.61 9.43
N ILE B 34 17.91 4.46 9.51
CA ILE B 34 16.54 4.04 9.75
C ILE B 34 15.64 4.81 8.81
N GLY B 35 14.59 4.15 8.31
CA GLY B 35 13.56 4.89 7.60
C GLY B 35 12.92 5.94 8.49
N GLY B 36 12.54 7.06 7.89
CA GLY B 36 11.88 8.14 8.62
C GLY B 36 11.45 9.23 7.67
N ASN B 37 12.25 10.29 7.57
CA ASN B 37 12.07 11.31 6.54
C ASN B 37 11.87 10.71 5.17
N ALA B 38 12.65 9.70 4.84
CA ALA B 38 12.61 9.03 3.57
C ALA B 38 12.77 7.55 3.83
N SER B 39 12.66 6.76 2.77
CA SER B 39 12.90 5.34 2.85
C SER B 39 14.33 5.04 3.31
N LEU B 40 14.51 3.85 3.89
CA LEU B 40 15.82 3.40 4.33
C LEU B 40 16.82 3.43 3.18
N GLN B 41 16.38 3.09 1.97
CA GLN B 41 17.28 3.07 0.82
C GLN B 41 17.77 4.47 0.50
N ASN B 42 16.89 5.46 0.57
CA ASN B 42 17.28 6.85 0.38
C ASN B 42 18.17 7.33 1.51
N VAL B 43 17.89 6.92 2.75
CA VAL B 43 18.75 7.34 3.86
C VAL B 43 20.17 6.85 3.64
N ILE B 44 20.34 5.58 3.29
CA ILE B 44 21.67 5.05 2.99
C ILE B 44 22.34 5.88 1.87
N ARG B 45 21.60 6.19 0.81
CA ARG B 45 22.18 6.99 -0.27
C ARG B 45 22.64 8.34 0.25
N ASN B 46 21.85 8.95 1.14
CA ASN B 46 22.08 10.30 1.61
C ASN B 46 23.24 10.38 2.59
N VAL B 47 23.36 9.37 3.46
CA VAL B 47 24.55 9.26 4.30
C VAL B 47 25.79 9.13 3.42
N ASN B 48 25.71 8.34 2.35
CA ASN B 48 26.87 8.21 1.46
C ASN B 48 27.19 9.56 0.80
N ARG B 49 26.15 10.29 0.36
CA ARG B 49 26.39 11.60 -0.27
C ARG B 49 27.08 12.55 0.69
N THR B 50 26.64 12.56 1.96
CA THR B 50 27.22 13.47 2.94
C THR B 50 28.69 13.15 3.18
N LEU B 51 29.01 11.86 3.36
CA LEU B 51 30.39 11.46 3.61
C LEU B 51 31.29 11.74 2.40
N LYS B 52 30.77 11.55 1.19
CA LYS B 52 31.59 11.79 0.00
C LYS B 52 31.83 13.28 -0.20
N VAL B 53 30.84 14.13 0.10
CA VAL B 53 31.02 15.57 -0.01
C VAL B 53 32.06 16.05 0.99
N TRP B 54 32.05 15.48 2.20
CA TRP B 54 33.07 15.84 3.17
C TRP B 54 34.44 15.30 2.75
N GLY B 55 34.48 14.10 2.18
CA GLY B 55 35.72 13.47 1.82
C GLY B 55 36.26 12.46 2.83
N LYS B 56 35.38 11.83 3.62
CA LYS B 56 35.82 10.80 4.59
C LYS B 56 34.87 9.61 4.54
N THR B 57 35.13 8.71 3.61
CA THR B 57 34.28 7.55 3.39
C THR B 57 34.77 6.32 4.15
N ASP B 58 35.67 6.52 5.12
CA ASP B 58 36.20 5.48 5.99
C ASP B 58 35.27 5.09 7.16
N ILE B 59 34.07 5.66 7.25
CA ILE B 59 33.16 5.39 8.35
C ILE B 59 32.16 4.34 7.89
N PRO B 60 32.00 3.23 8.60
CA PRO B 60 31.07 2.18 8.12
C PRO B 60 29.61 2.61 8.27
N ILE B 61 28.81 2.30 7.24
CA ILE B 61 27.39 2.62 7.19
C ILE B 61 26.57 1.33 7.25
N PHE B 62 25.65 1.24 8.22
CA PHE B 62 24.80 0.07 8.43
C PHE B 62 23.35 0.43 8.19
N GLY B 63 22.65 -0.45 7.49
CA GLY B 63 21.20 -0.31 7.30
C GLY B 63 20.45 -0.97 8.44
N GLY B 64 19.40 -0.29 8.91
CA GLY B 64 18.61 -0.83 10.00
C GLY B 64 17.24 -1.31 9.57
N CYS B 65 16.21 -1.01 10.37
CA CYS B 65 14.85 -1.43 10.10
C CYS B 65 14.22 -0.54 9.02
N GLN B 66 13.28 -1.11 8.25
CA GLN B 66 12.58 -0.35 7.20
C GLN B 66 11.39 0.48 7.69
N ALA B 67 10.79 0.13 8.82
CA ALA B 67 9.56 0.79 9.23
C ALA B 67 9.58 0.97 10.74
N PRO B 68 8.70 1.82 11.29
CA PRO B 68 8.54 1.90 12.75
C PRO B 68 8.15 0.55 13.32
N LEU B 69 8.30 0.42 14.64
CA LEU B 69 7.94 -0.84 15.30
C LEU B 69 6.53 -1.27 14.95
N VAL B 70 5.53 -0.42 15.22
CA VAL B 70 4.14 -0.79 14.94
C VAL B 70 3.43 0.28 14.12
N GLN B 71 3.77 1.56 14.31
CA GLN B 71 3.08 2.59 13.54
C GLN B 71 3.45 2.49 12.05
N PRO B 72 2.58 2.97 11.15
CA PRO B 72 2.91 2.93 9.72
C PRO B 72 4.00 3.96 9.40
N LYS B 73 4.62 3.78 8.24
CA LYS B 73 5.66 4.70 7.81
C LYS B 73 5.07 6.06 7.48
N MET B 74 5.82 7.12 7.79
CA MET B 74 5.38 8.52 7.62
C MET B 74 6.49 9.34 6.95
N GLU B 75 6.82 9.00 5.70
CA GLU B 75 7.83 9.74 4.97
C GLU B 75 7.35 11.15 4.65
N ILE B 76 8.28 12.11 4.55
CA ILE B 76 7.81 13.47 4.39
C ILE B 76 8.50 14.15 3.21
N PRO B 77 8.20 13.75 1.96
CA PRO B 77 8.87 14.35 0.81
C PRO B 77 8.47 15.79 0.53
N HIS B 78 7.35 16.27 1.07
CA HIS B 78 6.99 17.66 0.86
C HIS B 78 7.97 18.61 1.53
N ILE B 79 8.68 18.11 2.54
CA ILE B 79 9.60 18.93 3.31
C ILE B 79 11.04 18.68 2.91
N HIS B 80 11.44 17.41 2.87
CA HIS B 80 12.82 17.02 2.60
C HIS B 80 13.06 16.61 1.15
N GLY B 81 12.06 16.71 0.27
CA GLY B 81 12.20 16.34 -1.12
C GLY B 81 11.98 14.86 -1.37
N GLY B 82 11.81 14.52 -2.65
CA GLY B 82 11.53 13.15 -3.02
C GLY B 82 12.59 12.15 -2.59
N ASP B 83 13.86 12.56 -2.59
CA ASP B 83 14.94 11.68 -2.17
C ASP B 83 15.31 11.83 -0.71
N GLY B 84 14.65 12.70 0.04
CA GLY B 84 15.01 12.95 1.41
C GLY B 84 16.18 13.90 1.63
N LEU B 85 16.85 14.37 0.57
CA LEU B 85 17.98 15.28 0.74
C LEU B 85 17.82 16.47 -0.21
N GLY B 86 16.60 16.99 -0.30
CA GLY B 86 16.26 18.12 -1.13
C GLY B 86 16.43 17.91 -2.61
N ASP B 87 16.48 16.66 -3.09
CA ASP B 87 16.50 16.37 -4.51
C ASP B 87 17.68 17.06 -5.19
N ILE B 88 18.82 17.05 -4.52
CA ILE B 88 20.01 17.56 -5.15
C ILE B 88 20.42 16.65 -6.31
N ASN B 89 21.26 17.19 -7.17
CA ASN B 89 21.70 16.50 -8.38
C ASN B 89 23.11 15.98 -8.15
N ASP B 90 23.27 14.65 -8.12
CA ASP B 90 24.59 14.08 -7.82
C ASP B 90 25.64 14.57 -8.80
N ASN B 91 25.26 14.90 -10.03
CA ASN B 91 26.25 15.30 -11.02
C ASN B 91 26.83 16.68 -10.71
N ASP B 92 26.16 17.46 -9.85
CA ASP B 92 26.76 18.69 -9.33
C ASP B 92 27.74 18.44 -8.19
N PHE B 93 27.80 17.24 -7.65
CA PHE B 93 28.65 17.01 -6.49
C PHE B 93 29.70 15.93 -6.70
N GLY B 94 29.66 15.23 -7.82
CA GLY B 94 30.52 14.06 -7.98
C GLY B 94 30.18 12.92 -7.04
N THR B 95 28.92 12.79 -6.64
CA THR B 95 28.49 11.71 -5.76
C THR B 95 27.69 10.67 -6.51
N ASN B 96 27.73 10.70 -7.84
CA ASN B 96 27.09 9.69 -8.67
C ASN B 96 27.98 8.46 -8.80
N THR B 97 28.19 7.79 -7.67
CA THR B 97 29.12 6.69 -7.52
C THR B 97 28.47 5.63 -6.63
N PRO B 98 29.04 4.41 -6.59
CA PRO B 98 28.42 3.35 -5.76
C PRO B 98 28.37 3.70 -4.28
N ASN B 99 27.32 3.25 -3.63
CA ASN B 99 27.10 3.53 -2.22
C ASN B 99 27.68 2.40 -1.38
N LYS B 100 28.36 2.77 -0.32
CA LYS B 100 28.88 1.78 0.61
C LYS B 100 27.81 1.42 1.62
N LEU B 101 27.78 0.14 2.00
CA LEU B 101 26.83 -0.36 2.99
C LEU B 101 27.40 -1.63 3.59
N GLU B 102 27.56 -1.66 4.90
CA GLU B 102 28.11 -2.84 5.54
C GLU B 102 27.13 -4.01 5.48
N LYS B 103 27.64 -5.20 5.71
CA LYS B 103 26.76 -6.35 5.56
C LYS B 103 25.93 -6.59 6.81
N GLU B 104 26.46 -6.24 7.99
CA GLU B 104 25.73 -6.46 9.23
C GLU B 104 24.52 -5.54 9.36
N HIS B 105 23.45 -6.05 9.99
CA HIS B 105 22.33 -5.20 10.35
C HIS B 105 22.78 -4.20 11.40
N ALA B 106 22.25 -2.96 11.29
CA ALA B 106 22.64 -1.91 12.23
C ALA B 106 22.38 -2.28 13.70
N VAL B 107 21.38 -3.13 13.97
CA VAL B 107 21.12 -3.52 15.37
C VAL B 107 22.29 -4.34 15.92
N ASN B 108 22.73 -5.36 15.17
CA ASN B 108 23.83 -6.18 15.65
C ASN B 108 25.15 -5.41 15.63
N ALA B 109 25.34 -4.54 14.64
CA ALA B 109 26.55 -3.72 14.64
C ALA B 109 26.58 -2.75 15.83
N LEU B 110 25.43 -2.17 16.18
CA LEU B 110 25.40 -1.33 17.37
C LEU B 110 25.70 -2.14 18.62
N ILE B 111 25.11 -3.32 18.75
CA ILE B 111 25.38 -4.16 19.93
C ILE B 111 26.87 -4.48 20.02
N HIS B 112 27.46 -4.87 18.89
CA HIS B 112 28.89 -5.17 18.90
C HIS B 112 29.72 -3.95 19.27
N ALA B 113 29.38 -2.77 18.73
CA ALA B 113 30.11 -1.57 19.11
C ALA B 113 30.00 -1.34 20.61
N ALA B 114 28.79 -1.46 21.16
CA ALA B 114 28.62 -1.15 22.58
C ALA B 114 29.36 -2.14 23.47
N ASN B 115 29.54 -3.37 22.99
CA ASN B 115 30.31 -4.38 23.73
C ASN B 115 31.81 -4.17 23.64
N THR B 116 32.31 -3.45 22.62
CA THR B 116 33.74 -3.49 22.33
C THR B 116 34.44 -2.14 22.30
N ILE B 117 33.72 -1.03 22.22
CA ILE B 117 34.32 0.31 22.14
C ILE B 117 34.07 1.00 23.48
N GLU B 118 35.14 1.31 24.21
CA GLU B 118 34.98 1.94 25.51
C GLU B 118 34.60 3.41 25.35
N ASP B 119 33.76 3.89 26.27
CA ASP B 119 33.27 5.26 26.29
C ASP B 119 32.59 5.65 24.99
N LEU B 120 31.84 4.70 24.43
CA LEU B 120 31.01 4.94 23.27
C LEU B 120 29.83 5.84 23.64
N ASN B 121 29.59 6.85 22.82
CA ASN B 121 28.41 7.71 22.92
C ASN B 121 27.57 7.51 21.67
N ILE B 122 26.29 7.80 21.76
CA ILE B 122 25.40 7.69 20.61
C ILE B 122 24.63 8.98 20.41
N LEU B 123 24.55 9.40 19.16
CA LEU B 123 23.77 10.57 18.77
C LEU B 123 22.60 10.06 17.93
N CYS B 124 21.38 10.24 18.45
CA CYS B 124 20.19 9.70 17.79
C CYS B 124 19.48 10.85 17.09
N LEU B 125 19.40 10.77 15.77
CA LEU B 125 18.81 11.86 15.02
C LEU B 125 17.51 11.45 14.37
N ALA B 126 16.92 10.31 14.77
CA ALA B 126 15.80 9.75 14.01
C ALA B 126 14.77 9.11 14.92
N PRO B 127 13.67 8.56 14.40
CA PRO B 127 12.85 7.70 15.25
C PRO B 127 13.72 6.60 15.85
N LEU B 128 13.40 6.18 17.06
CA LEU B 128 14.34 5.37 17.80
C LEU B 128 14.21 3.87 17.53
N THR B 129 13.69 3.48 16.37
CA THR B 129 13.42 2.08 16.04
C THR B 129 14.63 1.17 16.22
N ASN B 130 15.75 1.51 15.57
CA ASN B 130 16.97 0.70 15.68
C ASN B 130 17.46 0.61 17.11
N ILE B 131 17.42 1.72 17.84
CA ILE B 131 17.93 1.71 19.20
C ILE B 131 17.04 0.88 20.10
N ALA B 132 15.73 1.01 19.90
CA ALA B 132 14.76 0.27 20.68
C ALA B 132 14.89 -1.23 20.45
N ILE B 133 15.18 -1.66 19.21
CA ILE B 133 15.38 -3.08 18.94
C ILE B 133 16.68 -3.58 19.59
N ALA B 134 17.74 -2.75 19.55
CA ALA B 134 18.99 -3.14 20.19
C ALA B 134 18.83 -3.28 21.70
N LEU B 135 18.02 -2.43 22.34
CA LEU B 135 17.88 -2.49 23.79
C LEU B 135 17.08 -3.72 24.23
N SER B 136 16.13 -4.17 23.42
CA SER B 136 15.34 -5.37 23.68
C SER B 136 16.15 -6.64 23.50
N MET B 137 17.03 -6.66 22.49
CA MET B 137 17.85 -7.83 22.19
C MET B 137 19.02 -7.97 23.15
N ALA B 138 19.64 -6.88 23.55
CA ALA B 138 20.84 -6.96 24.38
C ALA B 138 20.95 -5.72 25.26
N PRO B 139 20.00 -5.55 26.18
CA PRO B 139 20.10 -4.41 27.11
C PRO B 139 21.46 -4.31 27.78
N GLU B 140 22.06 -5.46 28.12
CA GLU B 140 23.34 -5.43 28.83
C GLU B 140 24.43 -4.79 27.96
N ALA B 141 24.37 -4.98 26.64
CA ALA B 141 25.35 -4.33 25.77
C ALA B 141 25.08 -2.84 25.65
N ILE B 142 23.83 -2.46 25.31
CA ILE B 142 23.54 -1.05 25.07
C ILE B 142 23.76 -0.22 26.34
N LEU B 143 23.56 -0.81 27.51
CA LEU B 143 23.70 -0.04 28.74
C LEU B 143 25.16 0.24 29.07
N LYS B 144 26.10 -0.40 28.37
CA LYS B 144 27.51 -0.03 28.46
C LYS B 144 27.78 1.33 27.83
N ILE B 145 26.86 1.83 27.00
CA ILE B 145 27.10 3.07 26.27
C ILE B 145 27.14 4.25 27.25
N LYS B 146 28.13 5.12 27.06
CA LYS B 146 28.41 6.16 28.06
C LYS B 146 27.28 7.18 28.17
N HIS B 147 26.74 7.64 27.03
CA HIS B 147 25.74 8.70 27.05
C HIS B 147 24.91 8.66 25.77
N PHE B 148 23.64 9.04 25.88
CA PHE B 148 22.71 9.16 24.76
C PHE B 148 22.45 10.63 24.51
N TYR B 149 22.60 11.06 23.26
CA TYR B 149 22.19 12.39 22.84
C TYR B 149 21.12 12.20 21.78
N ILE B 150 19.95 12.75 22.04
CA ILE B 150 18.76 12.42 21.26
C ILE B 150 18.09 13.70 20.80
N MET B 151 17.79 13.78 19.51
CA MET B 151 16.87 14.80 19.03
C MET B 151 15.48 14.20 18.99
N GLY B 152 14.55 14.78 19.73
CA GLY B 152 13.19 14.29 19.76
C GLY B 152 12.40 14.93 20.87
N GLY B 153 11.10 14.67 20.86
CA GLY B 153 10.23 15.04 21.96
C GLY B 153 9.89 16.51 21.98
N ALA B 154 8.79 16.82 22.66
CA ALA B 154 8.35 18.18 22.81
C ALA B 154 7.67 18.39 24.17
N THR B 162 3.36 23.57 24.19
CA THR B 162 4.35 22.89 23.36
C THR B 162 4.06 23.07 21.85
N PRO B 163 5.09 23.32 21.03
CA PRO B 163 4.88 23.42 19.57
C PRO B 163 4.15 22.20 19.01
N TYR B 164 3.70 22.32 17.76
CA TYR B 164 2.77 21.35 17.18
C TYR B 164 3.39 20.16 16.45
N GLY B 165 4.61 20.29 15.90
CA GLY B 165 5.07 19.32 14.92
C GLY B 165 6.30 18.47 15.20
N GLU B 166 6.41 17.90 16.39
CA GLU B 166 7.49 16.96 16.66
C GLU B 166 7.33 15.74 15.76
N PHE B 167 8.46 15.20 15.26
CA PHE B 167 8.42 14.09 14.31
C PHE B 167 8.98 12.80 14.87
N ASN B 168 10.18 12.81 15.45
CA ASN B 168 10.92 11.58 15.74
C ASN B 168 10.19 10.66 16.72
N TRP B 169 9.68 11.20 17.81
CA TRP B 169 9.07 10.30 18.78
C TRP B 169 7.62 9.99 18.41
N ARG B 170 6.91 10.96 17.82
CA ARG B 170 5.59 10.70 17.26
C ARG B 170 5.64 9.63 16.16
N ALA B 171 6.71 9.62 15.35
CA ALA B 171 6.82 8.63 14.28
C ALA B 171 6.94 7.20 14.81
N ASP B 172 7.57 7.00 15.96
CA ASP B 172 7.65 5.67 16.57
C ASP B 172 7.58 5.81 18.08
N PRO B 173 6.40 6.07 18.63
CA PRO B 173 6.32 6.34 20.08
C PRO B 173 6.63 5.12 20.94
N GLU B 174 6.36 3.92 20.45
CA GLU B 174 6.76 2.71 21.18
C GLU B 174 8.27 2.61 21.28
N ALA B 175 9.00 2.87 20.18
CA ALA B 175 10.46 2.82 20.25
C ALA B 175 11.00 3.84 21.23
N ALA B 176 10.49 5.08 21.22
CA ALA B 176 10.99 6.06 22.18
C ALA B 176 10.71 5.61 23.62
N GLN B 177 9.55 5.02 23.88
CA GLN B 177 9.23 4.60 25.23
C GLN B 177 10.19 3.50 25.69
N ILE B 178 10.52 2.57 24.79
CA ILE B 178 11.51 1.53 25.10
C ILE B 178 12.84 2.15 25.49
N VAL B 179 13.27 3.19 24.77
CA VAL B 179 14.52 3.85 25.14
C VAL B 179 14.37 4.52 26.49
N LEU B 180 13.31 5.31 26.68
CA LEU B 180 13.14 6.06 27.90
C LEU B 180 12.96 5.18 29.13
N GLN B 181 12.48 3.93 28.96
CA GLN B 181 12.27 3.03 30.08
C GLN B 181 13.38 1.99 30.24
N THR B 182 14.32 1.92 29.32
CA THR B 182 15.41 0.95 29.42
C THR B 182 16.78 1.60 29.57
N TYR B 183 17.08 2.64 28.78
CA TYR B 183 18.38 3.27 29.01
C TYR B 183 18.23 4.39 30.05
N PRO B 184 19.18 4.49 30.99
CA PRO B 184 19.03 5.45 32.11
C PRO B 184 18.83 6.87 31.62
N GLN B 185 17.76 7.53 32.06
CA GLN B 185 17.49 8.89 31.61
C GLN B 185 18.55 9.88 32.11
N TYR B 186 19.17 9.58 33.26
CA TYR B 186 20.26 10.46 33.73
C TYR B 186 21.41 10.51 32.73
N GLN B 187 21.65 9.44 31.97
CA GLN B 187 22.70 9.44 30.96
C GLN B 187 22.18 9.84 29.59
N THR B 188 21.04 10.51 29.54
CA THR B 188 20.40 10.93 28.32
C THR B 188 20.28 12.45 28.30
N THR B 189 20.66 13.04 27.17
CA THR B 189 20.51 14.47 26.94
C THR B 189 19.60 14.65 25.74
N ILE B 190 18.65 15.57 25.85
CA ILE B 190 17.61 15.74 24.84
C ILE B 190 17.75 17.11 24.20
N ALA B 191 17.75 17.14 22.86
CA ALA B 191 17.57 18.36 22.07
C ALA B 191 16.16 18.28 21.50
N SER B 192 15.23 18.98 22.13
CA SER B 192 13.82 18.75 21.82
C SER B 192 13.36 19.58 20.62
N TRP B 193 12.16 19.25 20.12
CA TRP B 193 11.57 20.06 19.06
C TRP B 193 11.28 21.48 19.55
N THR B 194 10.94 21.63 20.84
CA THR B 194 10.76 22.95 21.42
C THR B 194 12.03 23.77 21.30
N LEU B 195 13.17 23.16 21.67
CA LEU B 195 14.45 23.82 21.51
C LEU B 195 14.68 24.26 20.07
N ALA B 196 14.42 23.36 19.11
CA ALA B 196 14.65 23.69 17.71
C ALA B 196 13.79 24.87 17.27
N VAL B 197 12.54 24.91 17.72
CA VAL B 197 11.66 26.03 17.41
C VAL B 197 12.14 27.31 18.12
N PHE B 198 12.61 27.21 19.36
CA PHE B 198 13.12 28.36 20.10
C PHE B 198 14.34 28.96 19.42
N ASN B 199 15.21 28.13 18.86
CA ASN B 199 16.44 28.56 18.19
C ASN B 199 16.32 28.56 16.68
N SER B 200 15.16 28.92 16.16
CA SER B 200 15.00 29.01 14.72
C SER B 200 15.47 30.36 14.22
N PHE B 201 15.99 30.39 12.98
CA PHE B 201 16.55 31.58 12.39
C PHE B 201 15.77 31.91 11.13
N ASN B 202 15.67 33.19 10.83
CA ASN B 202 15.07 33.61 9.58
C ASN B 202 16.11 33.64 8.48
N ALA B 203 15.85 32.93 7.39
CA ALA B 203 16.83 32.79 6.30
C ALA B 203 17.06 34.07 5.51
N ASN B 204 16.13 35.03 5.56
CA ASN B 204 16.36 36.33 4.93
C ASN B 204 17.23 37.25 5.76
N ASP B 205 17.45 36.93 7.04
CA ASP B 205 18.31 37.73 7.90
C ASP B 205 19.65 37.07 8.18
N TYR B 206 19.76 35.74 8.03
CA TYR B 206 20.99 35.00 8.25
C TYR B 206 21.32 34.23 6.99
N ASP B 207 22.60 34.26 6.60
CA ASP B 207 23.01 33.72 5.32
C ASP B 207 23.86 32.46 5.42
N PHE B 208 24.07 31.91 6.63
CA PHE B 208 25.09 30.87 6.79
C PHE B 208 24.73 29.56 6.10
N PHE B 209 23.48 29.39 5.65
CA PHE B 209 23.10 28.29 4.79
C PHE B 209 22.93 28.74 3.34
N ASN B 210 23.61 29.81 2.94
CA ASN B 210 23.49 30.32 1.58
C ASN B 210 24.84 30.89 1.11
N LEU B 211 25.90 30.07 1.13
CA LEU B 211 27.24 30.48 0.70
C LEU B 211 27.63 29.67 -0.56
N ASP B 212 28.73 30.03 -1.24
CA ASP B 212 29.36 29.11 -2.21
C ASP B 212 30.87 29.37 -2.23
N GLY B 213 31.54 28.67 -3.13
CA GLY B 213 32.98 28.67 -3.22
C GLY B 213 33.62 27.32 -3.02
N ASN B 214 32.88 26.34 -2.46
CA ASN B 214 33.43 25.00 -2.31
C ASN B 214 32.27 24.00 -2.21
N LEU B 215 32.64 22.71 -2.17
CA LEU B 215 31.64 21.64 -2.27
C LEU B 215 30.71 21.62 -1.07
N VAL B 216 31.24 21.83 0.14
CA VAL B 216 30.41 21.76 1.34
C VAL B 216 29.41 22.92 1.36
N ARG B 217 29.86 24.13 1.02
CA ARG B 217 28.94 25.28 0.95
C ARG B 217 27.84 25.04 -0.06
N ARG B 218 28.18 24.46 -1.21
CA ARG B 218 27.17 24.15 -2.21
C ARG B 218 26.21 23.08 -1.70
N PHE B 219 26.74 22.10 -0.96
CA PHE B 219 25.89 21.04 -0.42
C PHE B 219 24.88 21.60 0.57
N ILE B 220 25.37 22.37 1.54
CA ILE B 220 24.51 23.00 2.53
C ILE B 220 23.46 23.86 1.85
N ARG B 221 23.89 24.75 0.94
CA ARG B 221 22.96 25.69 0.32
C ARG B 221 21.85 24.97 -0.44
N GLU B 222 22.21 23.92 -1.20
CA GLU B 222 21.20 23.27 -2.04
C GLU B 222 20.28 22.37 -1.22
N THR B 223 20.82 21.66 -0.22
CA THR B 223 19.97 20.75 0.53
C THR B 223 18.94 21.51 1.34
N TRP B 224 19.31 22.68 1.92
CA TRP B 224 18.39 23.46 2.74
C TRP B 224 17.38 24.26 1.92
N LYS B 225 17.51 24.33 0.60
CA LYS B 225 16.56 25.09 -0.20
C LYS B 225 15.11 24.66 0.02
N PRO B 226 14.75 23.38 -0.17
CA PRO B 226 13.33 23.02 -0.06
C PRO B 226 12.78 23.15 1.35
N ILE B 227 13.54 22.75 2.36
CA ILE B 227 13.00 22.76 3.71
C ILE B 227 12.84 24.19 4.20
N ILE B 228 13.74 25.08 3.78
CA ILE B 228 13.60 26.49 4.14
C ILE B 228 12.31 27.04 3.56
N ALA B 229 12.06 26.76 2.28
CA ALA B 229 10.86 27.25 1.61
C ALA B 229 9.60 26.71 2.27
N PHE B 230 9.63 25.45 2.73
CA PHE B 230 8.44 24.89 3.37
C PHE B 230 8.14 25.60 4.69
N ASP B 231 9.18 25.90 5.48
CA ASP B 231 8.99 26.58 6.75
C ASP B 231 8.79 28.08 6.58
N GLY B 232 8.52 28.53 5.36
CA GLY B 232 8.20 29.92 5.12
C GLY B 232 9.35 30.86 5.41
N GLY B 233 10.54 30.53 4.92
CA GLY B 233 11.71 31.37 5.06
C GLY B 233 12.47 31.21 6.36
N ARG B 234 12.14 30.22 7.18
CA ARG B 234 12.74 30.03 8.50
C ARG B 234 13.57 28.76 8.54
N ILE B 235 14.67 28.80 9.28
CA ILE B 235 15.59 27.68 9.44
C ILE B 235 15.36 27.13 10.84
N CYS B 236 14.87 25.90 10.93
CA CYS B 236 14.67 25.26 12.23
C CYS B 236 15.63 24.08 12.34
N PRO B 237 16.84 24.28 12.92
CA PRO B 237 17.97 23.33 12.78
C PRO B 237 17.98 22.24 13.85
N ALA B 238 16.94 21.41 13.85
CA ALA B 238 16.71 20.45 14.93
C ALA B 238 17.90 19.51 15.11
N ASP B 239 18.24 18.72 14.09
CA ASP B 239 19.36 17.80 14.21
C ASP B 239 20.71 18.50 14.37
N PRO B 240 21.02 19.56 13.65
CA PRO B 240 22.26 20.28 13.94
C PRO B 240 22.39 20.69 15.39
N LEU B 241 21.29 21.10 16.04
CA LEU B 241 21.38 21.47 17.45
C LEU B 241 21.73 20.27 18.30
N ALA B 242 21.15 19.11 18.00
CA ALA B 242 21.52 17.91 18.74
C ALA B 242 23.01 17.57 18.55
N ALA B 243 23.53 17.65 17.33
CA ALA B 243 24.95 17.37 17.15
C ALA B 243 25.80 18.42 17.86
N PHE B 244 25.40 19.69 17.76
CA PHE B 244 26.12 20.76 18.48
C PHE B 244 26.21 20.45 19.97
N ILE B 245 25.10 20.02 20.58
CA ILE B 245 25.09 19.71 22.00
C ILE B 245 26.00 18.51 22.30
N ALA B 246 25.94 17.47 21.47
CA ALA B 246 26.77 16.29 21.71
C ALA B 246 28.25 16.60 21.56
N VAL B 247 28.60 17.42 20.59
CA VAL B 247 30.02 17.65 20.30
C VAL B 247 30.60 18.70 21.26
N TYR B 248 29.87 19.77 21.56
CA TYR B 248 30.48 20.89 22.28
C TYR B 248 30.11 20.90 23.76
N GLY B 249 29.36 19.91 24.22
CA GLY B 249 29.17 19.69 25.65
C GLY B 249 28.51 20.85 26.35
N ASP B 250 28.90 21.08 27.60
CA ASP B 250 28.28 22.13 28.38
C ASP B 250 28.53 23.51 27.76
N ARG B 251 29.55 23.65 26.92
CA ARG B 251 29.77 24.88 26.16
C ARG B 251 28.62 25.20 25.22
N ALA B 252 27.89 24.18 24.77
CA ALA B 252 26.75 24.40 23.91
C ALA B 252 25.49 24.78 24.68
N ILE B 253 25.44 24.53 25.99
CA ILE B 253 24.20 24.59 26.75
C ILE B 253 24.17 25.86 27.58
N LYS B 254 23.14 26.68 27.38
CA LYS B 254 22.96 27.84 28.23
C LYS B 254 21.99 27.56 29.38
N ARG B 255 20.91 26.83 29.10
CA ARG B 255 19.90 26.48 30.10
C ARG B 255 19.32 25.10 29.79
N ALA B 256 19.19 24.28 30.83
CA ALA B 256 18.61 22.94 30.72
C ALA B 256 17.88 22.61 32.02
N GLU B 257 16.94 21.66 31.94
CA GLU B 257 16.23 21.14 33.10
C GLU B 257 16.30 19.61 33.10
N ARG B 258 16.46 19.04 34.27
CA ARG B 258 16.38 17.58 34.41
C ARG B 258 14.91 17.19 34.49
N LEU B 259 14.43 16.39 33.53
CA LEU B 259 13.03 15.99 33.46
C LEU B 259 12.90 14.49 33.21
N HIS B 260 12.03 13.85 33.99
CA HIS B 260 11.68 12.45 33.70
C HIS B 260 10.62 12.40 32.62
N LEU B 261 10.92 11.69 31.54
CA LEU B 261 10.09 11.66 30.35
C LEU B 261 9.42 10.31 30.16
N SER B 262 8.27 10.32 29.51
CA SER B 262 7.58 9.10 29.11
C SER B 262 6.71 9.42 27.92
N MET B 263 6.37 8.39 27.14
CA MET B 263 5.52 8.57 25.98
C MET B 263 4.07 8.32 26.34
N VAL B 264 3.17 9.06 25.69
CA VAL B 264 1.74 8.75 25.71
C VAL B 264 1.48 7.77 24.58
N LEU B 265 1.11 6.54 24.91
CA LEU B 265 0.95 5.47 23.94
C LEU B 265 -0.52 5.16 23.62
N GLU B 266 -1.46 5.88 24.23
CA GLU B 266 -2.87 5.64 23.97
C GLU B 266 -3.62 6.96 23.99
N GLY B 267 -4.79 6.98 23.36
CA GLY B 267 -5.67 8.13 23.42
C GLY B 267 -5.27 9.24 22.48
N GLU B 268 -5.92 10.38 22.70
CA GLU B 268 -5.82 11.54 21.81
C GLU B 268 -4.43 12.18 21.84
N LYS B 269 -3.65 11.96 22.89
CA LYS B 269 -2.30 12.50 22.96
C LYS B 269 -1.25 11.47 22.53
N LEU B 270 -1.66 10.41 21.85
CA LEU B 270 -0.72 9.40 21.36
C LEU B 270 0.44 10.06 20.64
N GLY B 271 1.66 9.70 21.02
CA GLY B 271 2.86 10.24 20.42
C GLY B 271 3.45 11.44 21.13
N MET B 272 2.74 12.02 22.10
CA MET B 272 3.26 13.10 22.91
C MET B 272 3.99 12.54 24.12
N SER B 273 4.74 13.40 24.82
CA SER B 273 5.51 12.99 25.99
C SER B 273 5.00 13.65 27.26
N LEU B 274 5.19 12.98 28.38
CA LEU B 274 5.00 13.61 29.68
C LEU B 274 6.36 13.97 30.22
N ALA B 275 6.43 15.06 30.99
CA ALA B 275 7.70 15.49 31.55
C ALA B 275 7.48 15.91 32.99
N GLU B 276 8.39 15.52 33.87
CA GLU B 276 8.20 15.71 35.27
C GLU B 276 9.57 16.07 35.83
N PRO B 277 9.67 17.17 36.55
CA PRO B 277 10.95 17.55 37.17
C PRO B 277 11.48 16.40 37.99
N ASP B 278 12.77 16.08 37.79
CA ASP B 278 13.39 14.91 38.40
C ASP B 278 14.88 14.98 38.13
N GLU B 279 15.69 15.03 39.20
CA GLU B 279 17.12 15.17 39.00
C GLU B 279 17.78 13.92 38.43
N LYS B 280 17.06 12.81 38.33
CA LYS B 280 17.58 11.63 37.66
C LYS B 280 16.92 11.39 36.30
N GLY B 281 16.15 12.36 35.80
CA GLY B 281 15.61 12.31 34.45
C GLY B 281 16.60 12.77 33.39
N CYS B 282 16.11 12.84 32.16
CA CYS B 282 16.95 13.34 31.07
C CYS B 282 17.35 14.78 31.29
N LEU B 283 18.54 15.13 30.79
CA LEU B 283 18.95 16.55 30.73
C LEU B 283 18.31 17.16 29.49
N VAL B 284 17.26 17.94 29.69
CA VAL B 284 16.49 18.47 28.57
C VAL B 284 16.96 19.90 28.31
N VAL B 285 17.60 20.11 27.16
CA VAL B 285 18.21 21.41 26.90
C VAL B 285 17.12 22.42 26.56
N LYS B 286 17.14 23.56 27.25
CA LYS B 286 16.18 24.63 27.03
C LYS B 286 16.76 25.81 26.25
N GLU B 287 18.06 26.06 26.37
CA GLU B 287 18.71 27.11 25.59
C GLU B 287 20.14 26.71 25.23
N CYS B 288 20.53 27.01 24.00
CA CYS B 288 21.89 26.84 23.52
C CYS B 288 22.60 28.18 23.41
N ASP B 289 23.93 28.12 23.27
CA ASP B 289 24.73 29.30 22.88
C ASP B 289 24.55 29.47 21.38
N ALA B 290 23.56 30.30 21.00
CA ALA B 290 23.24 30.48 19.59
C ALA B 290 24.42 31.08 18.83
N GLU B 291 25.23 31.90 19.52
CA GLU B 291 26.34 32.57 18.86
C GLU B 291 27.43 31.57 18.48
N LEU B 292 27.82 30.73 19.43
CA LEU B 292 28.76 29.65 19.13
C LEU B 292 28.20 28.73 18.04
N PHE B 293 26.88 28.50 18.07
CA PHE B 293 26.29 27.55 17.13
C PHE B 293 26.44 28.03 15.70
N VAL B 294 26.10 29.30 15.43
CA VAL B 294 26.24 29.82 14.08
C VAL B 294 27.70 29.82 13.65
N LYS B 295 28.60 30.08 14.60
CA LYS B 295 30.04 30.02 14.33
C LYS B 295 30.46 28.64 13.88
N ILE B 296 29.98 27.61 14.57
CA ILE B 296 30.24 26.22 14.20
C ILE B 296 29.70 25.94 12.81
N LEU B 297 28.47 26.36 12.53
CA LEU B 297 27.88 26.15 11.21
C LEU B 297 28.74 26.77 10.10
N ARG B 298 29.31 27.95 10.34
CA ARG B 298 30.12 28.60 9.33
C ARG B 298 31.48 27.94 9.18
N GLU B 299 32.11 27.57 10.30
CA GLU B 299 33.45 27.01 10.26
C GLU B 299 33.50 25.68 9.51
N LEU B 300 32.45 24.86 9.65
CA LEU B 300 32.47 23.59 8.92
C LEU B 300 32.47 23.80 7.42
N GLN B 301 31.96 24.94 6.95
CA GLN B 301 31.95 25.28 5.53
C GLN B 301 33.24 25.96 5.07
N ASP B 302 34.21 26.13 5.96
CA ASP B 302 35.52 26.61 5.54
C ASP B 302 36.36 25.38 5.15
N MET C 1 -24.15 30.32 -7.63
CA MET C 1 -23.21 29.44 -8.34
C MET C 1 -23.57 28.00 -8.07
N LYS C 2 -23.92 27.26 -9.13
CA LYS C 2 -24.16 25.84 -8.99
C LYS C 2 -22.84 25.08 -9.07
N LEU C 3 -22.61 24.19 -8.11
CA LEU C 3 -21.28 23.59 -7.95
C LEU C 3 -21.38 22.10 -7.72
N TRP C 4 -20.61 21.34 -8.49
CA TRP C 4 -20.39 19.93 -8.25
C TRP C 4 -19.03 19.78 -7.59
N ILE C 5 -18.89 18.82 -6.70
CA ILE C 5 -17.62 18.60 -6.00
C ILE C 5 -17.16 17.17 -6.25
N ASP C 6 -15.89 17.01 -6.64
CA ASP C 6 -15.27 15.70 -6.78
C ASP C 6 -14.17 15.62 -5.73
N THR C 7 -14.23 14.60 -4.88
CA THR C 7 -13.41 14.63 -3.67
C THR C 7 -12.85 13.24 -3.34
N ASP C 8 -11.67 13.23 -2.71
CA ASP C 8 -11.17 12.01 -2.06
C ASP C 8 -11.24 12.25 -0.56
N CYS C 9 -12.37 12.81 -0.13
CA CYS C 9 -12.57 13.40 1.20
C CYS C 9 -11.69 12.77 2.24
N GLY C 10 -10.49 13.34 2.32
CA GLY C 10 -9.73 13.43 3.52
C GLY C 10 -9.91 14.78 4.16
N ILE C 11 -8.91 15.18 4.95
CA ILE C 11 -9.10 16.22 5.96
C ILE C 11 -9.29 17.58 5.31
N ASP C 12 -8.39 17.97 4.41
CA ASP C 12 -8.56 19.30 3.87
C ASP C 12 -9.74 19.34 2.90
N ASP C 13 -10.08 18.22 2.26
CA ASP C 13 -11.32 18.13 1.49
C ASP C 13 -12.53 18.55 2.32
N ALA C 14 -12.68 17.93 3.50
CA ALA C 14 -13.83 18.18 4.34
C ALA C 14 -13.97 19.68 4.65
N THR C 15 -12.85 20.34 4.91
CA THR C 15 -12.88 21.77 5.21
C THR C 15 -13.19 22.58 3.96
N ALA C 16 -12.67 22.14 2.80
CA ALA C 16 -13.09 22.75 1.55
C ALA C 16 -14.60 22.66 1.38
N ILE C 17 -15.17 21.49 1.65
CA ILE C 17 -16.59 21.27 1.49
C ILE C 17 -17.38 22.19 2.42
N LEU C 18 -16.92 22.33 3.66
CA LEU C 18 -17.53 23.27 4.60
C LEU C 18 -17.46 24.70 4.09
N ILE C 19 -16.38 25.09 3.42
CA ILE C 19 -16.28 26.45 2.89
C ILE C 19 -17.40 26.71 1.88
N CYS C 20 -17.77 25.67 1.12
CA CYS C 20 -18.85 25.80 0.14
C CYS C 20 -20.22 25.75 0.80
N LEU C 21 -20.37 24.87 1.79
CA LEU C 21 -21.62 24.80 2.54
C LEU C 21 -21.94 26.14 3.20
N ALA C 22 -20.92 26.84 3.70
CA ALA C 22 -21.10 28.05 4.48
C ALA C 22 -21.54 29.26 3.66
N ASN C 23 -21.24 29.27 2.36
CA ASN C 23 -21.59 30.43 1.55
C ASN C 23 -22.98 30.26 0.99
N PRO C 24 -23.93 31.17 1.30
CA PRO C 24 -25.31 30.96 0.86
C PRO C 24 -25.52 31.17 -0.63
N SER C 25 -24.59 31.82 -1.31
CA SER C 25 -24.62 31.98 -2.76
C SER C 25 -24.23 30.71 -3.51
N ILE C 26 -23.77 29.67 -2.82
CA ILE C 26 -23.30 28.44 -3.47
C ILE C 26 -24.38 27.38 -3.35
N GLU C 27 -24.70 26.73 -4.46
CA GLU C 27 -25.62 25.60 -4.48
C GLU C 27 -24.84 24.35 -4.89
N ILE C 28 -24.61 23.46 -3.93
CA ILE C 28 -23.94 22.19 -4.19
C ILE C 28 -24.98 21.21 -4.71
N VAL C 29 -24.86 20.81 -5.99
CA VAL C 29 -25.85 19.92 -6.57
C VAL C 29 -25.43 18.46 -6.51
N GLY C 30 -24.19 18.18 -6.15
CA GLY C 30 -23.76 16.80 -6.10
C GLY C 30 -22.31 16.68 -5.70
N ILE C 31 -21.97 15.57 -5.05
CA ILE C 31 -20.61 15.30 -4.61
C ILE C 31 -20.22 13.92 -5.10
N SER C 32 -19.20 13.84 -5.94
CA SER C 32 -18.70 12.55 -6.40
C SER C 32 -17.45 12.18 -5.61
N CYS C 33 -17.29 10.88 -5.40
CA CYS C 33 -16.23 10.33 -4.56
C CYS C 33 -15.26 9.52 -5.40
N ILE C 34 -13.98 9.59 -5.03
CA ILE C 34 -12.92 8.84 -5.70
C ILE C 34 -11.92 8.43 -4.63
N GLY C 35 -11.35 7.25 -4.78
CA GLY C 35 -10.23 6.87 -3.94
C GLY C 35 -9.03 7.80 -4.13
N GLY C 36 -8.25 7.95 -3.07
CA GLY C 36 -7.08 8.80 -3.16
C GLY C 36 -6.41 8.83 -1.81
N ASN C 37 -6.70 9.88 -1.03
CA ASN C 37 -6.27 9.91 0.37
C ASN C 37 -6.70 8.65 1.11
N ALA C 38 -7.84 8.08 0.74
CA ALA C 38 -8.35 6.90 1.39
C ALA C 38 -9.16 6.11 0.38
N SER C 39 -9.57 4.92 0.79
CA SER C 39 -10.38 4.06 -0.06
C SER C 39 -11.72 4.73 -0.38
N LEU C 40 -12.32 4.29 -1.49
CA LEU C 40 -13.57 4.89 -1.93
C LEU C 40 -14.64 4.77 -0.86
N GLN C 41 -14.70 3.62 -0.16
CA GLN C 41 -15.70 3.44 0.90
C GLN C 41 -15.47 4.44 2.03
N ASN C 42 -14.21 4.61 2.43
CA ASN C 42 -13.91 5.60 3.46
C ASN C 42 -14.25 7.00 2.99
N VAL C 43 -14.03 7.31 1.71
CA VAL C 43 -14.34 8.66 1.22
C VAL C 43 -15.84 8.93 1.32
N ILE C 44 -16.66 7.97 0.88
CA ILE C 44 -18.11 8.09 1.02
C ILE C 44 -18.51 8.27 2.47
N ARG C 45 -17.95 7.43 3.36
CA ARG C 45 -18.15 7.62 4.79
C ARG C 45 -17.84 9.04 5.20
N ASN C 46 -16.71 9.60 4.74
CA ASN C 46 -16.23 10.89 5.23
C ASN C 46 -16.99 12.08 4.64
N VAL C 47 -17.44 11.96 3.39
CA VAL C 47 -18.38 12.96 2.88
C VAL C 47 -19.64 12.96 3.73
N ASN C 48 -20.14 11.76 4.09
CA ASN C 48 -21.31 11.66 4.96
C ASN C 48 -21.06 12.32 6.31
N ARG C 49 -19.91 12.05 6.93
CA ARG C 49 -19.56 12.71 8.19
C ARG C 49 -19.58 14.22 8.04
N THR C 50 -18.98 14.73 6.96
CA THR C 50 -18.86 16.18 6.80
C THR C 50 -20.23 16.83 6.65
N LEU C 51 -21.11 16.22 5.85
CA LEU C 51 -22.44 16.79 5.67
C LEU C 51 -23.25 16.68 6.96
N LYS C 52 -23.15 15.55 7.66
CA LYS C 52 -23.90 15.35 8.89
C LYS C 52 -23.47 16.32 9.98
N VAL C 53 -22.17 16.61 10.04
CA VAL C 53 -21.64 17.57 11.01
C VAL C 53 -22.18 18.96 10.71
N TRP C 54 -22.18 19.35 9.44
CA TRP C 54 -22.71 20.67 9.08
C TRP C 54 -24.23 20.73 9.25
N GLY C 55 -24.91 19.60 9.12
CA GLY C 55 -26.35 19.59 9.20
C GLY C 55 -27.10 19.79 7.90
N LYS C 56 -26.51 19.40 6.76
CA LYS C 56 -27.21 19.50 5.47
C LYS C 56 -26.90 18.23 4.68
N THR C 57 -27.66 17.17 4.99
CA THR C 57 -27.61 15.92 4.26
C THR C 57 -28.40 15.97 2.95
N ASP C 58 -28.71 17.20 2.49
CA ASP C 58 -29.56 17.51 1.34
C ASP C 58 -28.91 17.25 -0.02
N ILE C 59 -27.67 16.80 -0.05
CA ILE C 59 -26.83 16.81 -1.24
C ILE C 59 -26.57 15.37 -1.65
N PRO C 60 -26.81 14.99 -2.91
CA PRO C 60 -26.61 13.58 -3.29
C PRO C 60 -25.14 13.24 -3.38
N ILE C 61 -24.79 12.04 -2.91
CA ILE C 61 -23.41 11.56 -2.87
C ILE C 61 -23.28 10.38 -3.83
N PHE C 62 -22.36 10.50 -4.79
CA PHE C 62 -22.17 9.46 -5.79
C PHE C 62 -20.78 8.86 -5.64
N GLY C 63 -20.72 7.54 -5.75
CA GLY C 63 -19.46 6.82 -5.68
C GLY C 63 -18.87 6.63 -7.07
N GLY C 64 -17.56 6.83 -7.17
CA GLY C 64 -16.88 6.78 -8.44
C GLY C 64 -15.96 5.58 -8.59
N CYS C 65 -14.78 5.83 -9.17
CA CYS C 65 -13.80 4.77 -9.38
C CYS C 65 -12.98 4.53 -8.12
N GLN C 66 -12.44 3.32 -8.00
CA GLN C 66 -11.72 2.96 -6.78
C GLN C 66 -10.21 3.16 -6.89
N ALA C 67 -9.66 3.23 -8.09
CA ALA C 67 -8.22 3.25 -8.29
C ALA C 67 -7.87 4.26 -9.35
N PRO C 68 -6.60 4.68 -9.46
CA PRO C 68 -6.17 5.48 -10.61
C PRO C 68 -6.36 4.73 -11.92
N LEU C 69 -6.27 5.48 -13.02
CA LEU C 69 -6.57 4.90 -14.31
C LEU C 69 -5.57 3.79 -14.65
N VAL C 70 -4.27 4.12 -14.61
CA VAL C 70 -3.22 3.22 -15.08
C VAL C 70 -2.19 2.95 -13.98
N GLN C 71 -1.75 3.99 -13.29
CA GLN C 71 -0.72 3.82 -12.27
C GLN C 71 -1.24 2.93 -11.13
N PRO C 72 -0.37 2.09 -10.55
CA PRO C 72 -0.81 1.21 -9.44
C PRO C 72 -1.09 1.95 -8.14
N LYS C 73 -1.47 1.20 -7.10
CA LYS C 73 -1.83 1.78 -5.80
C LYS C 73 -0.68 2.56 -5.14
N HIS C 78 -2.84 6.01 5.66
CA HIS C 78 -1.93 6.91 4.97
C HIS C 78 -1.80 8.21 5.77
N ILE C 79 -1.61 9.30 5.04
CA ILE C 79 -1.33 10.57 5.71
C ILE C 79 -2.57 11.13 6.41
N HIS C 80 -3.76 10.92 5.83
CA HIS C 80 -4.98 11.43 6.44
C HIS C 80 -5.58 10.44 7.44
N GLY C 81 -4.75 9.55 8.00
CA GLY C 81 -5.22 8.56 8.94
C GLY C 81 -5.63 7.26 8.28
N GLY C 82 -6.01 6.30 9.12
CA GLY C 82 -6.44 5.01 8.60
C GLY C 82 -7.79 5.08 7.90
N ASP C 83 -8.70 5.92 8.43
CA ASP C 83 -10.02 6.12 7.84
C ASP C 83 -10.07 7.27 6.84
N GLY C 84 -8.95 7.96 6.62
CA GLY C 84 -8.92 9.11 5.73
C GLY C 84 -9.40 10.42 6.33
N LEU C 85 -9.93 10.42 7.54
CA LEU C 85 -10.44 11.65 8.15
C LEU C 85 -9.86 11.85 9.55
N GLY C 86 -8.57 11.55 9.71
CA GLY C 86 -7.92 11.76 10.98
C GLY C 86 -8.29 10.77 12.07
N ASP C 87 -8.86 9.63 11.70
CA ASP C 87 -9.20 8.57 12.66
C ASP C 87 -10.08 9.11 13.78
N ILE C 88 -11.09 9.90 13.42
CA ILE C 88 -11.96 10.48 14.43
C ILE C 88 -13.01 9.44 14.86
N ASN C 89 -13.62 9.70 15.99
CA ASN C 89 -14.58 8.77 16.59
C ASN C 89 -15.98 9.27 16.25
N ASP C 90 -16.74 8.43 15.53
CA ASP C 90 -18.10 8.81 15.15
C ASP C 90 -18.98 9.03 16.37
N ASN C 91 -18.68 8.33 17.48
CA ASN C 91 -19.52 8.47 18.66
C ASN C 91 -19.32 9.83 19.32
N ASP C 92 -18.16 10.47 19.12
CA ASP C 92 -17.92 11.81 19.64
C ASP C 92 -18.56 12.90 18.79
N PHE C 93 -19.07 12.57 17.61
CA PHE C 93 -19.68 13.55 16.75
C PHE C 93 -21.13 13.23 16.43
N GLY C 94 -21.65 12.08 16.90
CA GLY C 94 -22.99 11.68 16.54
C GLY C 94 -23.17 11.28 15.11
N THR C 95 -22.10 10.89 14.43
CA THR C 95 -22.17 10.53 13.02
C THR C 95 -22.19 9.02 12.81
N ASN C 96 -22.53 8.26 13.85
CA ASN C 96 -22.67 6.80 13.70
C ASN C 96 -24.11 6.47 13.31
N THR C 97 -24.45 6.87 12.10
CA THR C 97 -25.76 6.70 11.49
C THR C 97 -25.56 6.27 10.05
N PRO C 98 -26.54 5.62 9.44
CA PRO C 98 -26.36 5.13 8.06
C PRO C 98 -25.91 6.23 7.11
N ASN C 99 -25.11 5.82 6.13
CA ASN C 99 -24.59 6.75 5.14
C ASN C 99 -25.45 6.72 3.88
N LYS C 100 -25.62 7.88 3.26
CA LYS C 100 -26.39 7.97 2.02
C LYS C 100 -25.45 7.81 0.83
N LEU C 101 -25.92 7.11 -0.19
CA LEU C 101 -25.15 6.91 -1.41
C LEU C 101 -26.13 6.63 -2.54
N GLU C 102 -26.16 7.48 -3.55
CA GLU C 102 -27.03 7.25 -4.69
C GLU C 102 -26.62 6.00 -5.46
N LYS C 103 -27.52 5.51 -6.30
CA LYS C 103 -27.29 4.28 -7.04
C LYS C 103 -26.44 4.49 -8.28
N GLU C 104 -26.60 5.64 -8.93
CA GLU C 104 -25.87 5.92 -10.16
C GLU C 104 -24.38 6.12 -9.87
N HIS C 105 -23.55 5.56 -10.75
CA HIS C 105 -22.12 5.81 -10.70
C HIS C 105 -21.85 7.31 -10.84
N ALA C 106 -20.79 7.76 -10.15
CA ALA C 106 -20.42 9.17 -10.18
C ALA C 106 -20.20 9.67 -11.60
N VAL C 107 -19.65 8.83 -12.48
CA VAL C 107 -19.42 9.25 -13.86
C VAL C 107 -20.74 9.54 -14.56
N ASN C 108 -21.71 8.64 -14.44
CA ASN C 108 -22.98 8.85 -15.11
C ASN C 108 -23.77 10.02 -14.50
N ALA C 109 -23.69 10.19 -13.18
CA ALA C 109 -24.38 11.29 -12.54
C ALA C 109 -23.79 12.63 -12.94
N LEU C 110 -22.47 12.72 -13.04
CA LEU C 110 -21.83 13.96 -13.46
C LEU C 110 -22.21 14.30 -14.90
N ILE C 111 -22.19 13.31 -15.79
CA ILE C 111 -22.62 13.53 -17.17
C ILE C 111 -24.05 14.06 -17.20
N HIS C 112 -24.96 13.41 -16.47
CA HIS C 112 -26.35 13.87 -16.43
C HIS C 112 -26.46 15.28 -15.89
N ALA C 113 -25.68 15.62 -14.86
CA ALA C 113 -25.75 16.98 -14.32
C ALA C 113 -25.25 18.00 -15.33
N ALA C 114 -24.14 17.68 -16.00
CA ALA C 114 -23.61 18.55 -17.04
C ALA C 114 -24.58 18.71 -18.20
N ASN C 115 -25.38 17.68 -18.48
CA ASN C 115 -26.35 17.74 -19.56
C ASN C 115 -27.60 18.54 -19.21
N THR C 116 -27.89 18.77 -17.92
CA THR C 116 -29.19 19.31 -17.53
C THR C 116 -29.14 20.56 -16.67
N ILE C 117 -28.03 20.85 -16.01
CA ILE C 117 -27.93 21.99 -15.11
C ILE C 117 -27.15 23.08 -15.83
N GLU C 118 -27.77 24.23 -16.07
CA GLU C 118 -27.06 25.26 -16.79
C GLU C 118 -26.19 26.07 -15.85
N ASP C 119 -25.08 26.57 -16.38
CA ASP C 119 -24.07 27.31 -15.61
C ASP C 119 -23.53 26.46 -14.47
N LEU C 120 -23.32 25.16 -14.72
CA LEU C 120 -22.68 24.29 -13.75
C LEU C 120 -21.17 24.53 -13.72
N ASN C 121 -20.63 24.67 -12.51
CA ASN C 121 -19.19 24.70 -12.28
C ASN C 121 -18.78 23.44 -11.54
N ILE C 122 -17.50 23.12 -11.60
CA ILE C 122 -17.00 21.96 -10.88
C ILE C 122 -15.76 22.32 -10.08
N LEU C 123 -15.70 21.80 -8.86
CA LEU C 123 -14.55 21.92 -7.97
C LEU C 123 -13.95 20.53 -7.84
N CYS C 124 -12.70 20.38 -8.33
CA CYS C 124 -12.00 19.11 -8.31
C CYS C 124 -10.96 19.11 -7.20
N LEU C 125 -11.18 18.30 -6.18
CA LEU C 125 -10.32 18.25 -5.01
C LEU C 125 -9.50 16.97 -4.94
N ALA C 126 -9.41 16.19 -6.01
CA ALA C 126 -8.91 14.84 -5.90
C ALA C 126 -8.23 14.47 -7.21
N PRO C 127 -7.54 13.33 -7.26
CA PRO C 127 -7.08 12.85 -8.57
C PRO C 127 -8.29 12.82 -9.50
N LEU C 128 -8.04 13.01 -10.79
CA LEU C 128 -9.09 13.35 -11.73
C LEU C 128 -9.71 12.15 -12.44
N THR C 129 -9.58 10.95 -11.86
CA THR C 129 -10.03 9.71 -12.49
C THR C 129 -11.49 9.78 -12.94
N ASN C 130 -12.40 10.14 -12.03
CA ASN C 130 -13.81 10.23 -12.40
C ASN C 130 -14.00 11.20 -13.56
N ILE C 131 -13.37 12.37 -13.48
CA ILE C 131 -13.56 13.41 -14.49
C ILE C 131 -13.04 12.94 -15.84
N ALA C 132 -11.85 12.33 -15.86
CA ALA C 132 -11.26 11.89 -17.10
C ALA C 132 -12.11 10.82 -17.77
N ILE C 133 -12.68 9.92 -16.97
CA ILE C 133 -13.56 8.90 -17.54
C ILE C 133 -14.81 9.54 -18.11
N ALA C 134 -15.36 10.52 -17.40
CA ALA C 134 -16.55 11.21 -17.88
C ALA C 134 -16.27 11.91 -19.20
N LEU C 135 -15.13 12.63 -19.29
CA LEU C 135 -14.70 13.23 -20.54
C LEU C 135 -14.52 12.20 -21.64
N SER C 136 -14.18 10.96 -21.29
CA SER C 136 -13.97 9.94 -22.31
C SER C 136 -15.28 9.42 -22.84
N MET C 137 -16.28 9.34 -21.99
CA MET C 137 -17.56 8.76 -22.37
C MET C 137 -18.48 9.79 -23.01
N ALA C 138 -18.50 11.03 -22.51
CA ALA C 138 -19.38 12.08 -23.06
C ALA C 138 -18.68 13.43 -22.98
N PRO C 139 -17.67 13.66 -23.81
CA PRO C 139 -16.99 14.96 -23.79
C PRO C 139 -17.94 16.13 -24.07
N GLU C 140 -18.94 15.93 -24.92
CA GLU C 140 -19.88 17.01 -25.22
C GLU C 140 -20.59 17.47 -23.96
N ALA C 141 -20.99 16.53 -23.10
CA ALA C 141 -21.65 16.91 -21.86
C ALA C 141 -20.70 17.67 -20.95
N ILE C 142 -19.53 17.08 -20.66
CA ILE C 142 -18.60 17.71 -19.71
C ILE C 142 -18.12 19.05 -20.25
N LEU C 143 -18.03 19.20 -21.57
CA LEU C 143 -17.62 20.48 -22.14
C LEU C 143 -18.68 21.56 -21.97
N LYS C 144 -19.90 21.20 -21.54
CA LYS C 144 -20.92 22.20 -21.26
C LYS C 144 -20.67 22.93 -19.94
N ILE C 145 -19.84 22.33 -19.07
CA ILE C 145 -19.57 22.89 -17.75
C ILE C 145 -18.89 24.25 -17.92
N LYS C 146 -19.35 25.22 -17.14
CA LYS C 146 -18.94 26.60 -17.35
C LYS C 146 -17.49 26.84 -16.96
N HIS C 147 -17.01 26.18 -15.91
CA HIS C 147 -15.66 26.43 -15.42
C HIS C 147 -15.16 25.26 -14.58
N PHE C 148 -13.86 25.00 -14.66
CA PHE C 148 -13.18 23.98 -13.86
C PHE C 148 -12.31 24.67 -12.83
N TYR C 149 -12.46 24.28 -11.56
CA TYR C 149 -11.56 24.71 -10.49
C TYR C 149 -10.91 23.47 -9.91
N ILE C 150 -9.59 23.39 -10.01
CA ILE C 150 -8.88 22.15 -9.76
C ILE C 150 -7.79 22.38 -8.73
N MET C 151 -7.73 21.51 -7.72
CA MET C 151 -6.59 21.46 -6.81
C MET C 151 -5.63 20.37 -7.29
N GLY C 152 -4.41 20.75 -7.59
CA GLY C 152 -3.43 19.82 -8.12
C GLY C 152 -2.31 20.55 -8.81
N GLY C 153 -1.23 19.83 -9.04
CA GLY C 153 -0.07 20.35 -9.76
C GLY C 153 0.86 21.16 -8.86
N ALA C 154 2.09 21.34 -9.36
CA ALA C 154 3.13 22.02 -8.59
C ALA C 154 4.14 22.64 -9.55
N GLU C 155 4.76 23.71 -9.09
CA GLU C 155 5.82 24.32 -9.90
C GLU C 155 7.13 23.53 -9.76
N ILE C 161 10.20 25.26 -3.12
CA ILE C 161 9.15 24.34 -2.68
C ILE C 161 9.12 23.11 -3.58
N THR C 162 9.47 21.97 -2.98
CA THR C 162 9.68 20.78 -3.78
C THR C 162 8.35 20.34 -4.38
N PRO C 163 8.33 19.98 -5.67
CA PRO C 163 7.10 19.46 -6.29
C PRO C 163 6.69 18.11 -5.74
N TYR C 164 7.55 17.43 -4.99
CA TYR C 164 7.27 16.09 -4.54
C TYR C 164 6.24 16.07 -3.42
N GLY C 165 5.75 17.23 -2.99
CA GLY C 165 4.61 17.21 -2.11
C GLY C 165 3.29 17.03 -2.83
N GLU C 166 3.30 17.15 -4.16
CA GLU C 166 2.04 17.13 -4.91
C GLU C 166 1.45 15.74 -4.99
N PHE C 167 0.14 15.63 -4.80
CA PHE C 167 -0.49 14.31 -4.76
C PHE C 167 -1.48 14.04 -5.89
N ASN C 168 -2.36 15.01 -6.19
CA ASN C 168 -3.52 14.67 -7.02
C ASN C 168 -3.12 14.28 -8.43
N TRP C 169 -2.26 15.07 -9.06
CA TRP C 169 -1.88 14.75 -10.43
C TRP C 169 -0.82 13.67 -10.50
N ARG C 170 0.12 13.62 -9.56
CA ARG C 170 1.04 12.49 -9.52
C ARG C 170 0.31 11.17 -9.26
N ALA C 171 -0.80 11.20 -8.52
CA ALA C 171 -1.53 9.96 -8.25
C ALA C 171 -2.21 9.39 -9.49
N ASP C 172 -2.63 10.24 -10.43
CA ASP C 172 -3.23 9.76 -11.68
C ASP C 172 -2.85 10.72 -12.77
N PRO C 173 -1.61 10.62 -13.29
CA PRO C 173 -1.15 11.59 -14.28
C PRO C 173 -1.86 11.45 -15.61
N GLU C 174 -2.30 10.24 -15.95
CA GLU C 174 -3.07 10.05 -17.17
C GLU C 174 -4.41 10.76 -17.10
N ALA C 175 -5.12 10.66 -15.96
CA ALA C 175 -6.39 11.37 -15.84
C ALA C 175 -6.20 12.87 -15.92
N ALA C 176 -5.14 13.39 -15.30
CA ALA C 176 -4.88 14.82 -15.38
C ALA C 176 -4.62 15.24 -16.83
N GLN C 177 -3.87 14.42 -17.57
CA GLN C 177 -3.60 14.73 -18.96
C GLN C 177 -4.88 14.78 -19.77
N ILE C 178 -5.75 13.80 -19.57
CA ILE C 178 -7.04 13.78 -20.25
C ILE C 178 -7.81 15.07 -19.99
N VAL C 179 -7.92 15.46 -18.71
CA VAL C 179 -8.62 16.71 -18.40
C VAL C 179 -7.98 17.87 -19.14
N LEU C 180 -6.66 18.01 -19.00
CA LEU C 180 -5.96 19.18 -19.50
C LEU C 180 -5.95 19.27 -21.02
N GLN C 181 -6.09 18.17 -21.74
CA GLN C 181 -6.11 18.20 -23.20
C GLN C 181 -7.51 18.12 -23.80
N THR C 182 -8.53 17.92 -22.97
CA THR C 182 -9.91 17.83 -23.46
C THR C 182 -10.77 19.00 -22.99
N TYR C 183 -10.71 19.37 -21.70
CA TYR C 183 -11.51 20.52 -21.33
C TYR C 183 -10.70 21.81 -21.52
N PRO C 184 -11.30 22.87 -22.06
CA PRO C 184 -10.54 24.10 -22.35
C PRO C 184 -9.81 24.67 -21.15
N GLN C 185 -8.49 24.83 -21.29
CA GLN C 185 -7.70 25.32 -20.17
C GLN C 185 -8.06 26.76 -19.83
N TYR C 186 -8.52 27.55 -20.81
CA TYR C 186 -8.91 28.91 -20.51
C TYR C 186 -10.04 28.97 -19.50
N GLN C 187 -10.94 27.99 -19.51
CA GLN C 187 -12.00 27.89 -18.50
C GLN C 187 -11.57 27.09 -17.26
N THR C 188 -10.27 26.97 -17.01
CA THR C 188 -9.73 26.20 -15.91
C THR C 188 -8.91 27.11 -15.01
N THR C 189 -9.16 27.03 -13.71
CA THR C 189 -8.38 27.72 -12.69
C THR C 189 -7.72 26.68 -11.78
N ILE C 190 -6.46 26.93 -11.42
CA ILE C 190 -5.66 25.93 -10.72
C ILE C 190 -5.25 26.45 -9.35
N ALA C 191 -5.55 25.67 -8.31
CA ALA C 191 -5.02 25.94 -6.97
C ALA C 191 -3.96 24.87 -6.72
N SER C 192 -2.70 25.26 -6.79
CA SER C 192 -1.64 24.26 -6.88
C SER C 192 -1.18 23.83 -5.49
N TRP C 193 -0.42 22.72 -5.43
CA TRP C 193 0.23 22.38 -4.17
C TRP C 193 1.24 23.44 -3.77
N THR C 194 1.97 24.01 -4.73
CA THR C 194 2.90 25.12 -4.45
C THR C 194 2.18 26.27 -3.76
N LEU C 195 0.99 26.63 -4.27
CA LEU C 195 0.19 27.67 -3.66
C LEU C 195 -0.17 27.30 -2.23
N ALA C 196 -0.47 26.01 -1.97
CA ALA C 196 -0.84 25.61 -0.63
C ALA C 196 0.33 25.78 0.33
N VAL C 197 1.55 25.64 -0.17
CA VAL C 197 2.69 25.83 0.72
C VAL C 197 3.07 27.30 0.82
N PHE C 198 2.99 28.04 -0.28
CA PHE C 198 3.28 29.47 -0.20
C PHE C 198 2.30 30.17 0.74
N ASN C 199 1.01 29.87 0.62
CA ASN C 199 0.01 30.39 1.55
C ASN C 199 -0.22 29.47 2.75
N SER C 200 0.84 28.89 3.32
CA SER C 200 0.70 28.05 4.50
C SER C 200 0.83 28.91 5.75
N PHE C 201 0.34 28.39 6.88
CA PHE C 201 0.33 29.13 8.14
C PHE C 201 1.02 28.35 9.24
N ASN C 202 1.62 29.09 10.18
CA ASN C 202 2.20 28.47 11.37
C ASN C 202 1.09 28.23 12.40
N ALA C 203 0.89 26.96 12.76
CA ALA C 203 -0.14 26.61 13.72
C ALA C 203 0.26 26.97 15.15
N ASN C 204 1.55 27.22 15.37
CA ASN C 204 1.99 27.85 16.60
C ASN C 204 1.76 29.35 16.58
N ASP C 205 1.43 29.93 15.42
CA ASP C 205 1.14 31.34 15.29
C ASP C 205 -0.31 31.66 14.91
N TYR C 206 -1.02 30.68 14.36
CA TYR C 206 -2.42 30.84 13.96
C TYR C 206 -3.25 29.74 14.59
N ASP C 207 -4.40 30.13 15.14
CA ASP C 207 -5.23 29.21 15.91
C ASP C 207 -6.54 28.83 15.22
N PHE C 208 -6.77 29.26 13.98
CA PHE C 208 -8.10 29.10 13.38
C PHE C 208 -8.50 27.66 13.13
N PHE C 209 -7.56 26.71 13.22
CA PHE C 209 -7.90 25.30 13.19
C PHE C 209 -7.76 24.65 14.57
N ASN C 210 -7.86 25.45 15.63
CA ASN C 210 -7.74 24.95 17.00
C ASN C 210 -8.70 25.70 17.91
N LEU C 211 -9.99 25.65 17.59
CA LEU C 211 -11.05 26.28 18.36
C LEU C 211 -11.95 25.21 18.97
N ASP C 212 -12.82 25.62 19.90
CA ASP C 212 -13.92 24.79 20.38
C ASP C 212 -15.11 25.66 20.70
N GLY C 213 -16.22 25.01 21.02
CA GLY C 213 -17.48 25.65 21.29
C GLY C 213 -18.65 25.04 20.56
N ASN C 214 -18.40 24.39 19.43
CA ASN C 214 -19.48 23.82 18.64
C ASN C 214 -18.96 22.64 17.84
N LEU C 215 -19.90 21.92 17.21
CA LEU C 215 -19.53 20.71 16.48
C LEU C 215 -18.57 21.02 15.35
N VAL C 216 -18.82 22.10 14.62
CA VAL C 216 -17.95 22.44 13.49
C VAL C 216 -16.52 22.63 13.95
N ARG C 217 -16.30 23.46 14.97
CA ARG C 217 -14.95 23.71 15.44
C ARG C 217 -14.28 22.42 15.91
N ARG C 218 -15.01 21.61 16.67
CA ARG C 218 -14.47 20.31 17.10
C ARG C 218 -14.06 19.46 15.92
N PHE C 219 -14.90 19.43 14.88
CA PHE C 219 -14.61 18.60 13.71
C PHE C 219 -13.33 19.05 13.03
N ILE C 220 -13.20 20.36 12.80
CA ILE C 220 -12.03 20.91 12.14
C ILE C 220 -10.78 20.67 12.99
N ARG C 221 -10.89 20.91 14.30
CA ARG C 221 -9.73 20.80 15.18
C ARG C 221 -9.18 19.37 15.20
N GLU C 222 -10.08 18.38 15.33
CA GLU C 222 -9.63 17.00 15.45
C GLU C 222 -9.20 16.42 14.10
N THR C 223 -9.83 16.84 13.01
CA THR C 223 -9.43 16.28 11.71
C THR C 223 -8.07 16.81 11.30
N TRP C 224 -7.82 18.09 11.52
CA TRP C 224 -6.57 18.69 11.09
C TRP C 224 -5.39 18.29 11.98
N LYS C 225 -5.63 17.79 13.19
CA LYS C 225 -4.53 17.49 14.11
C LYS C 225 -3.45 16.61 13.50
N PRO C 226 -3.77 15.47 12.87
CA PRO C 226 -2.70 14.65 12.27
C PRO C 226 -1.98 15.34 11.12
N ILE C 227 -2.69 16.11 10.29
CA ILE C 227 -2.06 16.73 9.13
C ILE C 227 -1.09 17.82 9.56
N ILE C 228 -1.45 18.60 10.58
CA ILE C 228 -0.59 19.65 11.09
C ILE C 228 0.70 19.05 11.63
N ASP C 231 2.89 16.89 8.24
CA ASP C 231 3.50 18.20 8.10
C ASP C 231 4.21 18.52 9.45
N GLY C 232 4.94 19.62 9.49
CA GLY C 232 5.80 19.92 10.63
C GLY C 232 5.26 21.04 11.48
N GLY C 233 3.99 20.89 11.82
CA GLY C 233 3.26 21.92 12.51
C GLY C 233 2.75 23.04 11.64
N ARG C 234 2.71 22.86 10.32
CA ARG C 234 2.19 23.89 9.44
C ARG C 234 0.85 23.46 8.87
N ILE C 235 -0.02 24.45 8.61
CA ILE C 235 -1.29 24.24 7.94
C ILE C 235 -1.08 24.57 6.47
N CYS C 236 -1.19 23.55 5.61
CA CYS C 236 -1.05 23.72 4.17
C CYS C 236 -2.41 23.50 3.51
N PRO C 237 -3.24 24.53 3.38
CA PRO C 237 -4.68 24.30 3.15
C PRO C 237 -5.04 24.19 1.68
N ALA C 238 -4.52 23.13 1.03
CA ALA C 238 -4.63 22.96 -0.41
C ALA C 238 -6.07 23.00 -0.89
N ASP C 239 -6.88 22.00 -0.50
CA ASP C 239 -8.28 21.96 -0.93
C ASP C 239 -9.09 23.16 -0.45
N PRO C 240 -8.94 23.65 0.79
CA PRO C 240 -9.66 24.88 1.17
C PRO C 240 -9.33 26.06 0.28
N LEU C 241 -8.08 26.23 -0.11
CA LEU C 241 -7.73 27.33 -1.01
C LEU C 241 -8.43 27.18 -2.36
N ALA C 242 -8.55 25.94 -2.86
CA ALA C 242 -9.28 25.72 -4.10
C ALA C 242 -10.73 26.13 -3.96
N ALA C 243 -11.39 25.67 -2.89
CA ALA C 243 -12.76 26.09 -2.63
C ALA C 243 -12.83 27.60 -2.43
N PHE C 244 -11.85 28.17 -1.74
CA PHE C 244 -11.83 29.61 -1.52
C PHE C 244 -11.81 30.35 -2.86
N ILE C 245 -11.02 29.86 -3.81
CA ILE C 245 -10.94 30.50 -5.12
C ILE C 245 -12.23 30.28 -5.88
N ALA C 246 -12.75 29.06 -5.87
CA ALA C 246 -13.98 28.78 -6.60
C ALA C 246 -15.14 29.66 -6.13
N VAL C 247 -15.24 29.88 -4.82
CA VAL C 247 -16.43 30.56 -4.29
C VAL C 247 -16.26 32.08 -4.27
N TYR C 248 -15.06 32.60 -4.00
CA TYR C 248 -14.86 34.04 -3.85
C TYR C 248 -14.13 34.67 -5.04
N GLY C 249 -14.02 33.94 -6.16
CA GLY C 249 -13.61 34.54 -7.43
C GLY C 249 -12.38 35.43 -7.35
N ASP C 250 -12.47 36.59 -8.03
CA ASP C 250 -11.30 37.45 -8.13
C ASP C 250 -10.90 38.04 -6.79
N ARG C 251 -11.85 38.12 -5.85
CA ARG C 251 -11.54 38.63 -4.52
C ARG C 251 -10.64 37.68 -3.74
N ALA C 252 -10.72 36.37 -4.01
CA ALA C 252 -9.81 35.42 -3.40
C ALA C 252 -8.38 35.55 -3.93
N ILE C 253 -8.23 36.04 -5.15
CA ILE C 253 -6.92 36.10 -5.79
C ILE C 253 -6.07 37.34 -5.77
N LYS C 254 -4.85 37.24 -5.27
CA LYS C 254 -3.97 38.37 -5.31
C LYS C 254 -3.18 38.22 -6.60
N ARG C 255 -2.25 37.27 -6.67
CA ARG C 255 -1.52 37.05 -7.92
C ARG C 255 -1.92 35.76 -8.61
N ALA C 256 -1.84 35.81 -9.92
CA ALA C 256 -2.16 34.71 -10.83
C ALA C 256 -1.42 34.90 -12.15
N GLU C 257 -1.25 33.81 -12.87
CA GLU C 257 -0.55 33.77 -14.15
C GLU C 257 -1.27 32.80 -15.09
N ARG C 258 -1.24 33.10 -16.38
CA ARG C 258 -1.87 32.26 -17.40
C ARG C 258 -0.85 31.28 -17.96
N LEU C 259 -1.09 29.98 -17.79
CA LEU C 259 -0.09 28.98 -18.17
C LEU C 259 -0.77 27.81 -18.86
N HIS C 260 -0.22 27.43 -20.00
CA HIS C 260 -0.64 26.19 -20.64
C HIS C 260 0.08 25.02 -19.97
N LEU C 261 -0.68 24.00 -19.59
CA LEU C 261 -0.15 22.93 -18.75
C LEU C 261 -0.27 21.60 -19.47
N SER C 262 0.71 20.73 -19.23
CA SER C 262 0.66 19.37 -19.73
C SER C 262 1.32 18.44 -18.72
N MET C 263 0.97 17.16 -18.79
CA MET C 263 1.56 16.17 -17.91
C MET C 263 2.79 15.55 -18.56
N VAL C 264 3.80 15.28 -17.74
CA VAL C 264 4.90 14.40 -18.12
C VAL C 264 4.41 12.98 -17.86
N LEU C 265 4.25 12.20 -18.93
CA LEU C 265 3.72 10.85 -18.80
C LEU C 265 4.79 9.78 -18.93
N GLU C 266 6.06 10.15 -18.99
CA GLU C 266 7.08 9.14 -19.16
C GLU C 266 8.44 9.68 -18.73
N GLY C 267 9.34 8.77 -18.43
CA GLY C 267 10.64 9.15 -17.93
C GLY C 267 10.64 9.28 -16.42
N GLU C 268 11.73 9.88 -15.93
CA GLU C 268 11.93 10.01 -14.49
C GLU C 268 11.06 11.10 -13.88
N LYS C 269 10.60 12.06 -14.67
CA LYS C 269 9.74 13.11 -14.15
C LYS C 269 8.26 12.79 -14.32
N LEU C 270 7.92 11.50 -14.47
CA LEU C 270 6.53 11.06 -14.63
C LEU C 270 5.65 11.59 -13.50
N GLY C 271 4.59 12.29 -13.87
CA GLY C 271 3.63 12.81 -12.92
C GLY C 271 3.83 14.27 -12.60
N MET C 272 4.98 14.84 -12.94
CA MET C 272 5.16 16.28 -12.82
C MET C 272 4.48 16.95 -14.01
N SER C 273 4.33 18.27 -13.92
CA SER C 273 3.63 19.00 -14.96
C SER C 273 4.56 20.00 -15.64
N LEU C 274 4.32 20.25 -16.92
CA LEU C 274 5.02 21.30 -17.65
C LEU C 274 4.09 22.49 -17.81
N ALA C 275 4.65 23.70 -17.71
CA ALA C 275 3.87 24.93 -17.77
C ALA C 275 4.56 25.93 -18.67
N GLU C 276 3.82 26.50 -19.62
CA GLU C 276 4.40 27.55 -20.43
C GLU C 276 3.44 28.73 -20.42
N PRO C 277 3.97 29.95 -20.26
CA PRO C 277 3.13 31.14 -20.39
C PRO C 277 2.31 31.07 -21.68
N ASP C 278 1.00 31.16 -21.51
CA ASP C 278 0.05 31.10 -22.60
C ASP C 278 -1.23 31.75 -22.13
N GLU C 279 -1.75 32.68 -22.92
CA GLU C 279 -2.90 33.48 -22.55
C GLU C 279 -4.22 32.77 -22.82
N LYS C 280 -4.18 31.62 -23.48
CA LYS C 280 -5.35 30.76 -23.62
C LYS C 280 -5.26 29.54 -22.71
N GLY C 281 -4.35 29.56 -21.74
CA GLY C 281 -4.15 28.45 -20.83
C GLY C 281 -4.86 28.65 -19.50
N CYS C 282 -4.56 27.73 -18.58
CA CYS C 282 -5.14 27.76 -17.24
C CYS C 282 -4.77 29.05 -16.51
N LEU C 283 -5.69 29.54 -15.69
CA LEU C 283 -5.40 30.61 -14.74
C LEU C 283 -4.79 29.95 -13.51
N VAL C 284 -3.48 30.04 -13.36
CA VAL C 284 -2.78 29.42 -12.25
C VAL C 284 -2.61 30.49 -11.16
N VAL C 285 -3.28 30.30 -10.04
CA VAL C 285 -3.20 31.26 -8.94
C VAL C 285 -1.84 31.16 -8.30
N LYS C 286 -1.18 32.30 -8.10
CA LYS C 286 0.14 32.27 -7.48
C LYS C 286 0.16 32.83 -6.07
N GLU C 287 -0.84 33.61 -5.67
CA GLU C 287 -0.98 34.03 -4.30
C GLU C 287 -2.44 34.37 -4.04
N CYS C 288 -2.88 34.13 -2.81
CA CYS C 288 -4.24 34.35 -2.37
C CYS C 288 -4.28 35.46 -1.31
N ASP C 289 -5.49 35.96 -1.07
CA ASP C 289 -5.76 36.93 0.00
C ASP C 289 -5.87 36.16 1.31
N ALA C 290 -4.73 36.04 2.01
CA ALA C 290 -4.68 35.22 3.21
C ALA C 290 -5.54 35.80 4.33
N GLU C 291 -5.66 37.13 4.40
CA GLU C 291 -6.48 37.76 5.43
C GLU C 291 -7.95 37.39 5.24
N LEU C 292 -8.45 37.58 4.02
CA LEU C 292 -9.82 37.18 3.71
C LEU C 292 -9.99 35.68 3.93
N PHE C 293 -8.97 34.90 3.57
CA PHE C 293 -9.05 33.45 3.71
C PHE C 293 -9.30 33.06 5.16
N VAL C 294 -8.47 33.54 6.07
CA VAL C 294 -8.64 33.20 7.48
C VAL C 294 -9.99 33.69 7.98
N LYS C 295 -10.41 34.88 7.56
CA LYS C 295 -11.72 35.38 7.99
C LYS C 295 -12.83 34.44 7.53
N ILE C 296 -12.71 33.89 6.32
CA ILE C 296 -13.69 32.93 5.84
C ILE C 296 -13.67 31.68 6.71
N LEU C 297 -12.46 31.21 7.06
CA LEU C 297 -12.35 30.00 7.89
C LEU C 297 -12.97 30.21 9.26
N ARG C 298 -12.73 31.37 9.87
CA ARG C 298 -13.30 31.66 11.17
C ARG C 298 -14.82 31.80 11.10
N GLU C 299 -15.32 32.52 10.07
CA GLU C 299 -16.76 32.78 9.99
C GLU C 299 -17.56 31.49 9.89
N LEU C 300 -17.06 30.51 9.12
CA LEU C 300 -17.82 29.29 8.97
C LEU C 300 -17.88 28.48 10.26
N GLN C 301 -16.97 28.71 11.19
CA GLN C 301 -16.98 28.01 12.46
C GLN C 301 -17.87 28.69 13.50
N ASP C 302 -18.73 29.62 13.08
CA ASP C 302 -19.69 30.26 13.98
C ASP C 302 -20.99 29.48 14.01
N MET D 1 -22.69 -21.10 -25.01
CA MET D 1 -21.75 -20.06 -24.61
C MET D 1 -22.28 -18.66 -24.94
N LYS D 2 -22.52 -17.86 -23.90
CA LYS D 2 -22.97 -16.48 -24.06
C LYS D 2 -21.75 -15.59 -24.28
N LEU D 3 -21.81 -14.77 -25.33
CA LEU D 3 -20.63 -14.03 -25.73
C LEU D 3 -20.97 -12.59 -26.07
N TRP D 4 -20.21 -11.67 -25.48
CA TRP D 4 -20.18 -10.27 -25.84
C TRP D 4 -19.00 -10.04 -26.79
N ILE D 5 -19.22 -9.24 -27.83
CA ILE D 5 -18.19 -8.95 -28.82
C ILE D 5 -17.94 -7.44 -28.85
N ASP D 6 -16.69 -7.06 -28.67
CA ASP D 6 -16.25 -5.67 -28.80
C ASP D 6 -15.41 -5.61 -30.07
N THR D 7 -15.78 -4.73 -30.99
CA THR D 7 -15.21 -4.78 -32.33
C THR D 7 -14.99 -3.37 -32.87
N ASP D 8 -14.02 -3.24 -33.77
CA ASP D 8 -13.83 -2.06 -34.60
C ASP D 8 -14.12 -2.47 -36.04
N CYS D 9 -15.21 -3.23 -36.18
CA CYS D 9 -15.58 -3.98 -37.36
C CYS D 9 -15.00 -3.36 -38.62
N GLY D 10 -13.84 -3.87 -38.96
CA GLY D 10 -13.36 -3.94 -40.30
C GLY D 10 -13.56 -5.33 -40.84
N ILE D 11 -12.78 -5.67 -41.87
CA ILE D 11 -13.06 -6.86 -42.65
C ILE D 11 -12.89 -8.11 -41.80
N ASP D 12 -11.74 -8.28 -41.16
CA ASP D 12 -11.51 -9.51 -40.43
C ASP D 12 -12.40 -9.60 -39.19
N ASP D 13 -12.75 -8.46 -38.57
CA ASP D 13 -13.77 -8.45 -37.53
C ASP D 13 -15.07 -9.08 -38.01
N ALA D 14 -15.50 -8.71 -39.24
CA ALA D 14 -16.80 -9.15 -39.73
C ALA D 14 -16.84 -10.66 -39.91
N THR D 15 -15.80 -11.21 -40.53
CA THR D 15 -15.67 -12.67 -40.65
C THR D 15 -15.68 -13.34 -39.28
N ALA D 16 -15.01 -12.73 -38.29
CA ALA D 16 -15.03 -13.31 -36.95
C ALA D 16 -16.44 -13.34 -36.37
N ILE D 17 -17.18 -12.25 -36.56
CA ILE D 17 -18.56 -12.20 -36.07
C ILE D 17 -19.40 -13.27 -36.76
N LEU D 18 -19.14 -13.48 -38.05
CA LEU D 18 -19.87 -14.52 -38.77
C LEU D 18 -19.52 -15.90 -38.24
N ILE D 19 -18.26 -16.10 -37.83
CA ILE D 19 -17.86 -17.39 -37.26
C ILE D 19 -18.70 -17.68 -36.02
N CYS D 20 -18.96 -16.64 -35.21
CA CYS D 20 -19.79 -16.82 -34.02
C CYS D 20 -21.26 -16.97 -34.40
N LEU D 21 -21.71 -16.24 -35.44
CA LEU D 21 -23.10 -16.38 -35.84
C LEU D 21 -23.39 -17.78 -36.36
N ALA D 22 -22.42 -18.39 -37.04
CA ALA D 22 -22.65 -19.67 -37.69
C ALA D 22 -22.75 -20.83 -36.70
N ASN D 23 -22.11 -20.74 -35.55
CA ASN D 23 -22.13 -21.81 -34.57
C ASN D 23 -23.38 -21.71 -33.70
N PRO D 24 -24.28 -22.70 -33.72
CA PRO D 24 -25.55 -22.57 -33.00
C PRO D 24 -25.42 -22.71 -31.48
N SER D 25 -24.27 -23.11 -30.96
CA SER D 25 -24.09 -23.13 -29.52
C SER D 25 -23.63 -21.79 -28.95
N ILE D 26 -23.42 -20.78 -29.81
CA ILE D 26 -22.94 -19.47 -29.41
C ILE D 26 -24.11 -18.49 -29.41
N GLU D 27 -24.33 -17.81 -28.29
CA GLU D 27 -25.34 -16.76 -28.17
C GLU D 27 -24.65 -15.42 -28.06
N ILE D 28 -24.68 -14.65 -29.14
CA ILE D 28 -24.17 -13.28 -29.12
C ILE D 28 -25.16 -12.42 -28.35
N VAL D 29 -24.74 -11.93 -27.18
CA VAL D 29 -25.64 -11.16 -26.32
C VAL D 29 -25.60 -9.67 -26.62
N GLY D 30 -24.52 -9.19 -27.20
CA GLY D 30 -24.40 -7.80 -27.55
C GLY D 30 -23.13 -7.61 -28.32
N ILE D 31 -23.05 -6.53 -29.08
CA ILE D 31 -21.86 -6.18 -29.82
C ILE D 31 -21.60 -4.72 -29.52
N SER D 32 -20.46 -4.43 -28.89
CA SER D 32 -20.06 -3.04 -28.66
C SER D 32 -19.06 -2.62 -29.72
N CYS D 33 -19.07 -1.31 -30.02
CA CYS D 33 -18.30 -0.73 -31.10
C CYS D 33 -17.28 0.27 -30.56
N ILE D 34 -16.10 0.28 -31.18
CA ILE D 34 -15.05 1.25 -30.89
C ILE D 34 -14.34 1.56 -32.19
N GLY D 35 -13.87 2.82 -32.32
CA GLY D 35 -13.05 3.17 -33.46
C GLY D 35 -11.77 2.37 -33.48
N GLY D 36 -11.28 2.10 -34.69
CA GLY D 36 -10.02 1.40 -34.85
C GLY D 36 -9.71 1.35 -36.32
N ASN D 37 -10.01 0.22 -36.96
CA ASN D 37 -9.95 0.13 -38.42
C ASN D 37 -10.64 1.30 -39.09
N ALA D 38 -11.74 1.76 -38.51
CA ALA D 38 -12.47 2.88 -39.08
C ALA D 38 -13.01 3.73 -37.95
N SER D 39 -13.68 4.81 -38.32
CA SER D 39 -14.35 5.65 -37.34
C SER D 39 -15.46 4.88 -36.63
N LEU D 40 -15.83 5.38 -35.44
CA LEU D 40 -16.93 4.75 -34.70
C LEU D 40 -18.19 4.69 -35.56
N GLN D 41 -18.55 5.81 -36.18
CA GLN D 41 -19.71 5.87 -37.06
C GLN D 41 -19.69 4.73 -38.07
N ASN D 42 -18.53 4.50 -38.70
CA ASN D 42 -18.46 3.46 -39.73
C ASN D 42 -18.48 2.06 -39.13
N VAL D 43 -17.88 1.87 -37.97
CA VAL D 43 -17.94 0.56 -37.31
C VAL D 43 -19.39 0.17 -37.05
N ILE D 44 -20.20 1.12 -36.57
CA ILE D 44 -21.61 0.85 -36.32
C ILE D 44 -22.31 0.44 -37.61
N ARG D 45 -22.10 1.19 -38.68
CA ARG D 45 -22.70 0.84 -39.97
C ARG D 45 -22.26 -0.55 -40.42
N ASN D 46 -21.00 -0.90 -40.17
CA ASN D 46 -20.44 -2.16 -40.65
C ASN D 46 -20.93 -3.34 -39.85
N VAL D 47 -21.04 -3.21 -38.53
CA VAL D 47 -21.68 -4.25 -37.76
C VAL D 47 -23.11 -4.46 -38.24
N ASN D 48 -23.81 -3.37 -38.54
CA ASN D 48 -25.16 -3.50 -39.13
C ASN D 48 -25.12 -4.29 -40.42
N ARG D 49 -24.21 -3.94 -41.34
CA ARG D 49 -24.12 -4.68 -42.59
C ARG D 49 -23.91 -6.16 -42.34
N THR D 50 -23.01 -6.49 -41.42
CA THR D 50 -22.65 -7.89 -41.19
C THR D 50 -23.84 -8.69 -40.69
N LEU D 51 -24.57 -8.17 -39.69
CA LEU D 51 -25.75 -8.85 -39.18
C LEU D 51 -26.83 -8.98 -40.25
N LYS D 52 -27.02 -7.94 -41.04
CA LYS D 52 -28.03 -7.96 -42.10
C LYS D 52 -27.69 -9.01 -43.15
N VAL D 53 -26.40 -9.14 -43.49
CA VAL D 53 -26.00 -10.12 -44.48
C VAL D 53 -26.25 -11.53 -43.95
N TRP D 54 -25.92 -11.77 -42.68
CA TRP D 54 -26.20 -13.09 -42.13
C TRP D 54 -27.69 -13.36 -42.00
N GLY D 55 -28.46 -12.33 -41.66
CA GLY D 55 -29.88 -12.45 -41.48
C GLY D 55 -30.34 -12.53 -40.05
N LYS D 56 -29.54 -12.06 -39.09
CA LYS D 56 -29.90 -12.06 -37.66
C LYS D 56 -29.65 -10.66 -37.09
N THR D 57 -30.66 -9.81 -37.17
CA THR D 57 -30.56 -8.41 -36.79
C THR D 57 -31.15 -8.11 -35.41
N ASP D 58 -31.48 -9.13 -34.64
CA ASP D 58 -32.02 -8.97 -33.29
C ASP D 58 -30.94 -8.94 -32.21
N ILE D 59 -29.69 -8.68 -32.56
CA ILE D 59 -28.59 -8.57 -31.60
C ILE D 59 -28.38 -7.09 -31.31
N PRO D 60 -28.43 -6.66 -30.05
CA PRO D 60 -28.25 -5.23 -29.78
C PRO D 60 -26.83 -4.77 -30.07
N ILE D 61 -26.73 -3.58 -30.63
CA ILE D 61 -25.46 -2.94 -30.99
C ILE D 61 -25.33 -1.67 -30.16
N PHE D 62 -24.15 -1.47 -29.55
CA PHE D 62 -23.88 -0.30 -28.71
C PHE D 62 -22.65 0.43 -29.21
N GLY D 63 -22.77 1.74 -29.33
CA GLY D 63 -21.61 2.57 -29.62
C GLY D 63 -20.87 2.87 -28.33
N GLY D 64 -19.53 2.76 -28.39
CA GLY D 64 -18.63 3.06 -27.29
C GLY D 64 -17.88 4.37 -27.47
N CYS D 65 -16.58 4.34 -27.14
CA CYS D 65 -15.79 5.56 -27.07
C CYS D 65 -15.31 5.99 -28.45
N GLN D 66 -15.03 7.29 -28.59
CA GLN D 66 -14.61 7.81 -29.88
C GLN D 66 -13.10 7.91 -30.05
N ALA D 67 -12.33 7.86 -28.97
CA ALA D 67 -10.90 8.06 -29.05
C ALA D 67 -10.25 7.19 -28.00
N PRO D 68 -8.95 6.90 -28.12
CA PRO D 68 -8.27 6.14 -27.07
C PRO D 68 -8.26 6.91 -25.75
N LEU D 69 -8.00 6.16 -24.68
CA LEU D 69 -8.03 6.72 -23.34
C LEU D 69 -7.14 7.96 -23.22
N VAL D 70 -5.87 7.82 -23.59
CA VAL D 70 -4.89 8.88 -23.37
C VAL D 70 -4.21 9.23 -24.68
N GLN D 71 -3.80 8.21 -25.41
CA GLN D 71 -3.05 8.40 -26.62
C GLN D 71 -3.92 9.09 -27.68
N PRO D 72 -3.32 9.93 -28.51
CA PRO D 72 -4.02 10.44 -29.69
C PRO D 72 -4.37 9.30 -30.64
N LYS D 73 -5.26 9.61 -31.57
CA LYS D 73 -5.75 8.63 -32.50
C LYS D 73 -4.74 7.96 -33.40
N MET D 74 -3.66 8.66 -33.73
CA MET D 74 -2.56 8.18 -34.59
C MET D 74 -2.91 7.89 -36.06
N GLU D 75 -2.55 8.83 -36.92
CA GLU D 75 -2.82 8.71 -38.35
C GLU D 75 -2.25 7.42 -38.93
N ILE D 76 -3.13 6.47 -39.24
CA ILE D 76 -2.72 5.19 -39.80
C ILE D 76 -3.32 5.01 -41.20
N PRO D 77 -2.66 4.22 -42.04
CA PRO D 77 -3.17 3.99 -43.41
C PRO D 77 -4.42 3.12 -43.36
N HIS D 78 -5.52 3.63 -43.94
CA HIS D 78 -6.80 2.93 -43.87
C HIS D 78 -6.76 1.69 -44.75
N ILE D 79 -6.31 0.58 -44.16
CA ILE D 79 -6.13 -0.67 -44.89
C ILE D 79 -7.48 -1.29 -45.25
N HIS D 80 -8.43 -1.24 -44.34
CA HIS D 80 -9.74 -1.83 -44.57
C HIS D 80 -10.65 -0.93 -45.38
N GLY D 81 -10.06 0.04 -46.09
CA GLY D 81 -10.79 0.90 -46.98
C GLY D 81 -11.30 2.16 -46.30
N GLY D 82 -11.94 3.01 -47.10
CA GLY D 82 -12.45 4.25 -46.59
C GLY D 82 -13.59 4.10 -45.60
N ASP D 83 -14.42 3.05 -45.76
CA ASP D 83 -15.53 2.79 -44.85
C ASP D 83 -15.20 1.73 -43.82
N GLY D 84 -13.97 1.20 -43.85
CA GLY D 84 -13.56 0.19 -42.91
C GLY D 84 -13.97 -1.22 -43.27
N LEU D 85 -14.71 -1.43 -44.35
CA LEU D 85 -15.17 -2.78 -44.71
C LEU D 85 -14.96 -3.04 -46.20
N GLY D 86 -13.85 -2.54 -46.75
CA GLY D 86 -13.53 -2.75 -48.15
C GLY D 86 -14.28 -1.89 -49.13
N ASP D 87 -14.99 -0.86 -48.66
CA ASP D 87 -15.73 0.05 -49.54
C ASP D 87 -16.78 -0.68 -50.37
N ILE D 88 -17.51 -1.60 -49.76
CA ILE D 88 -18.58 -2.29 -50.47
C ILE D 88 -19.75 -1.33 -50.67
N ASN D 89 -20.59 -1.68 -51.63
CA ASN D 89 -21.78 -0.91 -51.96
C ASN D 89 -22.98 -1.58 -51.29
N ASP D 90 -23.72 -0.82 -50.49
CA ASP D 90 -24.89 -1.37 -49.81
C ASP D 90 -25.93 -1.90 -50.78
N ASN D 91 -26.03 -1.29 -51.97
CA ASN D 91 -26.97 -1.78 -52.98
C ASN D 91 -26.59 -3.16 -53.50
N ASP D 92 -25.30 -3.50 -53.51
CA ASP D 92 -24.89 -4.84 -53.92
C ASP D 92 -25.21 -5.88 -52.87
N PHE D 93 -25.55 -5.47 -51.65
CA PHE D 93 -25.83 -6.42 -50.60
C PHE D 93 -27.23 -6.29 -50.03
N GLY D 94 -28.05 -5.39 -50.57
CA GLY D 94 -29.38 -5.18 -50.00
C GLY D 94 -29.36 -4.62 -48.60
N THR D 95 -28.26 -4.01 -48.19
CA THR D 95 -28.13 -3.42 -46.86
C THR D 95 -28.31 -1.90 -46.88
N ASN D 96 -28.99 -1.38 -47.91
CA ASN D 96 -29.45 0.01 -47.96
C ASN D 96 -30.76 0.15 -47.19
N THR D 97 -30.69 -0.08 -45.88
CA THR D 97 -31.83 -0.10 -45.01
C THR D 97 -31.43 0.56 -43.70
N PRO D 98 -32.38 1.05 -42.90
CA PRO D 98 -32.05 1.72 -41.63
C PRO D 98 -31.10 0.92 -40.74
N ASN D 99 -30.22 1.62 -40.04
CA ASN D 99 -29.34 0.95 -39.08
C ASN D 99 -30.06 0.82 -37.74
N LYS D 100 -29.59 -0.12 -36.92
CA LYS D 100 -30.05 -0.25 -35.54
C LYS D 100 -28.91 0.10 -34.59
N LEU D 101 -29.25 0.79 -33.50
CA LEU D 101 -28.24 1.23 -32.53
C LEU D 101 -28.98 1.50 -31.23
N GLU D 102 -28.48 0.92 -30.14
CA GLU D 102 -29.11 1.10 -28.83
C GLU D 102 -28.76 2.48 -28.28
N LYS D 103 -29.55 2.95 -27.30
CA LYS D 103 -29.30 4.28 -26.75
C LYS D 103 -28.14 4.28 -25.76
N GLU D 104 -27.92 3.18 -25.05
CA GLU D 104 -26.95 3.16 -23.96
C GLU D 104 -25.53 3.16 -24.51
N HIS D 105 -24.63 3.87 -23.83
CA HIS D 105 -23.20 3.79 -24.14
C HIS D 105 -22.72 2.35 -23.96
N ALA D 106 -21.77 1.93 -24.80
CA ALA D 106 -21.29 0.55 -24.73
C ALA D 106 -20.70 0.20 -23.37
N VAL D 107 -20.06 1.16 -22.70
CA VAL D 107 -19.45 0.90 -21.40
C VAL D 107 -20.52 0.53 -20.39
N ASN D 108 -21.55 1.37 -20.27
CA ASN D 108 -22.64 1.06 -19.34
C ASN D 108 -23.35 -0.24 -19.71
N ALA D 109 -23.55 -0.50 -21.01
CA ALA D 109 -24.18 -1.76 -21.43
C ALA D 109 -23.33 -2.96 -21.03
N LEU D 110 -22.02 -2.88 -21.25
CA LEU D 110 -21.15 -3.99 -20.85
C LEU D 110 -21.21 -4.24 -19.35
N ILE D 111 -21.21 -3.17 -18.55
CA ILE D 111 -21.31 -3.34 -17.11
C ILE D 111 -22.61 -4.04 -16.74
N HIS D 112 -23.72 -3.62 -17.38
CA HIS D 112 -25.02 -4.19 -17.05
C HIS D 112 -25.10 -5.63 -17.49
N ALA D 113 -24.49 -5.95 -18.62
CA ALA D 113 -24.44 -7.34 -19.08
C ALA D 113 -23.66 -8.19 -18.10
N ALA D 114 -22.51 -7.72 -17.64
CA ALA D 114 -21.70 -8.52 -16.75
C ALA D 114 -22.36 -8.70 -15.39
N ASN D 115 -23.32 -7.84 -15.06
CA ASN D 115 -24.05 -7.96 -13.80
C ASN D 115 -25.26 -8.86 -13.87
N THR D 116 -25.81 -9.13 -15.06
CA THR D 116 -27.11 -9.78 -15.15
C THR D 116 -27.12 -11.09 -15.92
N ILE D 117 -26.10 -11.37 -16.73
CA ILE D 117 -26.05 -12.55 -17.59
C ILE D 117 -25.03 -13.51 -17.01
N GLU D 118 -25.47 -14.69 -16.62
CA GLU D 118 -24.54 -15.62 -15.99
C GLU D 118 -23.67 -16.31 -17.03
N ASP D 119 -22.41 -16.49 -16.65
CA ASP D 119 -21.41 -17.20 -17.47
C ASP D 119 -21.13 -16.44 -18.77
N LEU D 120 -21.13 -15.12 -18.68
CA LEU D 120 -20.82 -14.28 -19.83
C LEU D 120 -19.34 -14.33 -20.15
N ASN D 121 -19.02 -14.58 -21.42
CA ASN D 121 -17.67 -14.45 -21.94
C ASN D 121 -17.60 -13.23 -22.84
N ILE D 122 -16.38 -12.76 -23.10
CA ILE D 122 -16.20 -11.62 -23.97
C ILE D 122 -15.12 -11.93 -25.00
N LEU D 123 -15.42 -11.59 -26.24
CA LEU D 123 -14.46 -11.68 -27.33
C LEU D 123 -14.11 -10.26 -27.74
N CYS D 124 -12.84 -9.89 -27.57
CA CYS D 124 -12.37 -8.53 -27.81
C CYS D 124 -11.58 -8.51 -29.10
N LEU D 125 -12.05 -7.72 -30.07
CA LEU D 125 -11.49 -7.71 -31.41
C LEU D 125 -10.87 -6.38 -31.78
N ALA D 126 -10.64 -5.50 -30.81
CA ALA D 126 -10.38 -4.10 -31.13
C ALA D 126 -9.56 -3.44 -30.02
N PRO D 127 -9.12 -2.20 -30.18
CA PRO D 127 -8.52 -1.51 -29.04
C PRO D 127 -9.44 -1.59 -27.83
N LEU D 128 -8.84 -1.72 -26.64
CA LEU D 128 -9.61 -2.12 -25.47
C LEU D 128 -10.17 -0.92 -24.69
N THR D 129 -10.35 0.23 -25.34
CA THR D 129 -10.83 1.43 -24.64
C THR D 129 -12.12 1.21 -23.88
N ASN D 130 -13.13 0.60 -24.52
CA ASN D 130 -14.42 0.39 -23.86
C ASN D 130 -14.26 -0.52 -22.65
N ILE D 131 -13.47 -1.58 -22.79
CA ILE D 131 -13.33 -2.56 -21.72
C ILE D 131 -12.54 -1.98 -20.55
N ALA D 132 -11.49 -1.22 -20.86
CA ALA D 132 -10.69 -0.61 -19.81
C ALA D 132 -11.53 0.36 -18.97
N ILE D 133 -12.35 1.18 -19.64
CA ILE D 133 -13.18 2.13 -18.91
C ILE D 133 -14.20 1.38 -18.07
N ALA D 134 -14.80 0.32 -18.62
CA ALA D 134 -15.73 -0.46 -17.83
C ALA D 134 -15.02 -1.05 -16.61
N LEU D 135 -13.78 -1.51 -16.77
CA LEU D 135 -13.04 -2.05 -15.62
C LEU D 135 -12.71 -0.96 -14.61
N SER D 136 -12.48 0.27 -15.07
CA SER D 136 -12.21 1.36 -14.13
C SER D 136 -13.45 1.77 -13.37
N MET D 137 -14.61 1.75 -14.02
CA MET D 137 -15.84 2.23 -13.38
C MET D 137 -16.41 1.20 -12.41
N ALA D 138 -16.42 -0.06 -12.81
CA ALA D 138 -17.12 -1.10 -12.05
C ALA D 138 -16.33 -2.40 -12.17
N PRO D 139 -15.14 -2.46 -11.58
CA PRO D 139 -14.30 -3.64 -11.76
C PRO D 139 -14.96 -4.90 -11.24
N GLU D 140 -15.80 -4.77 -10.21
CA GLU D 140 -16.46 -5.97 -9.67
C GLU D 140 -17.34 -6.61 -10.75
N ALA D 141 -18.13 -5.79 -11.46
CA ALA D 141 -19.01 -6.35 -12.48
C ALA D 141 -18.21 -7.01 -13.60
N ILE D 142 -17.20 -6.32 -14.13
CA ILE D 142 -16.47 -6.88 -15.25
C ILE D 142 -15.66 -8.10 -14.80
N LEU D 143 -15.23 -8.15 -13.54
CA LEU D 143 -14.52 -9.32 -13.05
C LEU D 143 -15.43 -10.53 -12.90
N LYS D 144 -16.75 -10.34 -12.95
CA LYS D 144 -17.67 -11.48 -13.00
C LYS D 144 -17.56 -12.26 -14.31
N ILE D 145 -16.96 -11.67 -15.35
CA ILE D 145 -16.93 -12.32 -16.66
C ILE D 145 -16.02 -13.53 -16.61
N LYS D 146 -16.52 -14.68 -17.10
CA LYS D 146 -15.79 -15.94 -16.90
C LYS D 146 -14.49 -15.98 -17.69
N HIS D 147 -14.46 -15.40 -18.88
CA HIS D 147 -13.23 -15.48 -19.64
C HIS D 147 -13.14 -14.36 -20.67
N PHE D 148 -11.92 -13.91 -20.90
CA PHE D 148 -11.60 -12.92 -21.90
C PHE D 148 -10.84 -13.59 -23.04
N TYR D 149 -11.40 -13.51 -24.25
CA TYR D 149 -10.66 -13.88 -25.45
C TYR D 149 -10.35 -12.59 -26.18
N ILE D 150 -9.08 -12.36 -26.46
CA ILE D 150 -8.61 -11.05 -26.91
C ILE D 150 -7.68 -11.24 -28.10
N MET D 151 -7.93 -10.47 -29.16
CA MET D 151 -6.99 -10.38 -30.26
C MET D 151 -6.15 -9.13 -30.04
N GLY D 152 -4.85 -9.32 -29.90
CA GLY D 152 -3.97 -8.20 -29.69
C GLY D 152 -2.62 -8.65 -29.19
N GLY D 153 -1.68 -7.70 -29.25
CA GLY D 153 -0.35 -7.93 -28.74
C GLY D 153 0.48 -8.78 -29.67
N ALA D 154 1.75 -8.94 -29.29
CA ALA D 154 2.72 -9.73 -30.05
C ALA D 154 3.70 -10.36 -29.07
N GLU D 155 3.43 -11.59 -28.67
CA GLU D 155 4.27 -12.32 -27.73
C GLU D 155 5.76 -12.29 -28.05
N ASN D 156 6.10 -12.17 -29.33
CA ASN D 156 7.50 -12.14 -29.75
C ASN D 156 8.13 -10.76 -29.56
N GLY D 157 7.36 -9.68 -29.79
CA GLY D 157 7.88 -8.33 -29.81
C GLY D 157 7.88 -7.66 -31.16
N LYS D 158 7.33 -8.29 -32.20
CA LYS D 158 7.20 -7.63 -33.50
C LYS D 158 5.76 -7.73 -34.00
N GLY D 159 5.11 -6.59 -34.15
CA GLY D 159 3.74 -6.48 -34.61
C GLY D 159 3.57 -5.73 -35.91
N ASN D 160 2.33 -5.37 -36.22
CA ASN D 160 1.96 -4.86 -37.54
C ASN D 160 2.19 -3.36 -37.69
N ILE D 161 1.54 -2.57 -36.83
CA ILE D 161 1.52 -1.13 -37.05
C ILE D 161 2.83 -0.47 -36.63
N THR D 162 3.49 -1.02 -35.60
CA THR D 162 4.84 -0.68 -35.20
C THR D 162 5.66 -1.95 -35.12
N PRO D 163 7.00 -1.86 -35.22
CA PRO D 163 7.82 -3.07 -35.04
C PRO D 163 7.63 -3.72 -33.68
N TYR D 164 7.19 -3.00 -32.67
CA TYR D 164 7.07 -3.59 -31.35
C TYR D 164 5.63 -3.94 -30.98
N GLY D 165 4.65 -3.23 -31.54
CA GLY D 165 3.27 -3.30 -31.07
C GLY D 165 2.30 -3.78 -32.12
N GLU D 166 1.38 -4.63 -31.69
CA GLU D 166 0.25 -5.01 -32.52
C GLU D 166 -0.80 -3.89 -32.48
N PHE D 167 -1.52 -3.73 -33.60
CA PHE D 167 -2.32 -2.52 -33.84
C PHE D 167 -3.29 -2.20 -32.71
N ASN D 168 -4.00 -3.21 -32.20
CA ASN D 168 -5.03 -2.97 -31.20
C ASN D 168 -4.43 -2.41 -29.92
N TRP D 169 -3.32 -2.99 -29.45
CA TRP D 169 -2.73 -2.55 -28.20
C TRP D 169 -1.86 -1.31 -28.41
N ARG D 170 -1.32 -1.12 -29.61
CA ARG D 170 -0.63 0.12 -29.89
C ARG D 170 -1.60 1.28 -29.96
N ALA D 171 -2.84 1.03 -30.43
CA ALA D 171 -3.81 2.11 -30.57
C ALA D 171 -4.22 2.67 -29.21
N ASP D 172 -4.37 1.82 -28.20
CA ASP D 172 -4.65 2.26 -26.83
C ASP D 172 -3.86 1.42 -25.86
N PRO D 173 -2.57 1.74 -25.66
CA PRO D 173 -1.76 0.89 -24.77
C PRO D 173 -2.18 0.98 -23.32
N GLU D 174 -2.59 2.15 -22.84
CA GLU D 174 -3.09 2.25 -21.47
C GLU D 174 -4.31 1.37 -21.26
N ALA D 175 -5.21 1.32 -22.23
CA ALA D 175 -6.37 0.43 -22.11
C ALA D 175 -5.94 -1.03 -22.05
N ALA D 176 -4.99 -1.41 -22.91
CA ALA D 176 -4.49 -2.79 -22.85
C ALA D 176 -3.86 -3.08 -21.49
N GLN D 177 -3.02 -2.16 -21.00
CA GLN D 177 -2.44 -2.34 -19.68
C GLN D 177 -3.52 -2.46 -18.61
N ILE D 178 -4.55 -1.61 -18.69
CA ILE D 178 -5.63 -1.66 -17.70
C ILE D 178 -6.25 -3.04 -17.67
N VAL D 179 -6.52 -3.62 -18.83
CA VAL D 179 -7.10 -4.96 -18.85
C VAL D 179 -6.13 -5.97 -18.27
N LEU D 180 -4.86 -5.89 -18.70
CA LEU D 180 -3.89 -6.92 -18.33
C LEU D 180 -3.46 -6.82 -16.88
N GLN D 181 -3.56 -5.63 -16.26
CA GLN D 181 -3.25 -5.47 -14.84
C GLN D 181 -4.50 -5.46 -13.96
N THR D 182 -5.70 -5.59 -14.53
CA THR D 182 -6.95 -5.61 -13.77
C THR D 182 -7.78 -6.85 -14.02
N TYR D 183 -7.80 -7.36 -15.25
CA TYR D 183 -8.52 -8.62 -15.38
C TYR D 183 -7.52 -9.78 -15.31
N PRO D 184 -7.86 -10.87 -14.62
CA PRO D 184 -6.88 -11.97 -14.44
C PRO D 184 -6.22 -12.47 -15.72
N GLN D 185 -4.90 -12.35 -15.83
CA GLN D 185 -4.22 -12.83 -17.04
C GLN D 185 -4.44 -14.32 -17.23
N TYR D 186 -4.66 -15.06 -16.15
CA TYR D 186 -4.86 -16.50 -16.27
C TYR D 186 -6.18 -16.82 -16.95
N GLN D 187 -7.16 -15.93 -16.84
CA GLN D 187 -8.45 -16.12 -17.48
C GLN D 187 -8.53 -15.44 -18.83
N THR D 188 -7.41 -15.24 -19.50
CA THR D 188 -7.33 -14.46 -20.73
C THR D 188 -6.56 -15.26 -21.78
N THR D 189 -7.14 -15.34 -22.99
CA THR D 189 -6.50 -16.01 -24.10
C THR D 189 -6.17 -14.97 -25.16
N ILE D 190 -4.96 -15.05 -25.70
CA ILE D 190 -4.45 -14.03 -26.60
C ILE D 190 -4.23 -14.64 -27.97
N ALA D 191 -4.80 -13.99 -28.99
CA ALA D 191 -4.50 -14.30 -30.38
C ALA D 191 -3.69 -13.12 -30.90
N SER D 192 -2.37 -13.28 -30.88
CA SER D 192 -1.45 -12.19 -31.16
C SER D 192 -1.36 -11.92 -32.65
N TRP D 193 -0.68 -10.82 -33.00
CA TRP D 193 -0.38 -10.58 -34.42
C TRP D 193 0.66 -11.55 -34.95
N THR D 194 1.54 -12.05 -34.07
CA THR D 194 2.53 -13.02 -34.50
C THR D 194 1.90 -14.38 -34.72
N LEU D 195 0.90 -14.74 -33.92
CA LEU D 195 0.10 -15.92 -34.23
C LEU D 195 -0.62 -15.74 -35.57
N ALA D 196 -1.09 -14.54 -35.84
CA ALA D 196 -1.73 -14.25 -37.11
C ALA D 196 -0.77 -14.42 -38.27
N VAL D 197 0.48 -13.95 -38.13
CA VAL D 197 1.41 -14.13 -39.24
C VAL D 197 1.85 -15.58 -39.31
N PHE D 198 1.84 -16.29 -38.19
CA PHE D 198 2.30 -17.67 -38.19
C PHE D 198 1.33 -18.57 -38.95
N ASN D 199 0.02 -18.39 -38.73
CA ASN D 199 -1.01 -19.14 -39.43
C ASN D 199 -1.46 -18.45 -40.69
N SER D 200 -0.55 -17.76 -41.36
CA SER D 200 -0.92 -16.97 -42.52
C SER D 200 -1.11 -17.86 -43.74
N PHE D 201 -2.17 -17.58 -44.51
CA PHE D 201 -2.46 -18.30 -45.74
C PHE D 201 -2.18 -17.39 -46.93
N ASN D 202 -1.90 -17.99 -48.08
CA ASN D 202 -1.94 -17.22 -49.31
C ASN D 202 -3.28 -17.47 -49.99
N ALA D 203 -4.00 -16.38 -50.26
CA ALA D 203 -5.36 -16.48 -50.76
C ALA D 203 -5.43 -17.06 -52.16
N ASN D 204 -4.33 -17.07 -52.90
CA ASN D 204 -4.34 -17.70 -54.21
C ASN D 204 -4.06 -19.20 -54.14
N ASP D 205 -3.86 -19.75 -52.95
CA ASP D 205 -3.76 -21.19 -52.76
C ASP D 205 -4.98 -21.78 -52.08
N TYR D 206 -5.83 -20.94 -51.51
CA TYR D 206 -7.10 -21.36 -50.93
C TYR D 206 -8.22 -20.57 -51.58
N ASP D 207 -9.40 -21.20 -51.69
CA ASP D 207 -10.51 -20.59 -52.39
C ASP D 207 -11.66 -20.14 -51.47
N PHE D 208 -11.53 -20.32 -50.16
CA PHE D 208 -12.64 -19.98 -49.27
C PHE D 208 -12.91 -18.49 -49.18
N PHE D 209 -12.08 -17.63 -49.77
CA PHE D 209 -12.40 -16.22 -49.90
C PHE D 209 -12.83 -15.84 -51.31
N ASN D 210 -13.25 -16.81 -52.12
CA ASN D 210 -13.58 -16.52 -53.51
C ASN D 210 -14.72 -17.44 -54.01
N LEU D 211 -15.85 -17.43 -53.32
CA LEU D 211 -17.05 -18.16 -53.77
C LEU D 211 -18.14 -17.16 -54.12
N ASP D 212 -19.16 -17.58 -54.88
CA ASP D 212 -20.48 -16.91 -54.85
C ASP D 212 -21.54 -18.01 -54.86
N GLY D 213 -22.78 -17.60 -55.09
CA GLY D 213 -23.94 -18.46 -54.94
C GLY D 213 -24.82 -18.10 -53.77
N ASN D 214 -24.32 -17.29 -52.83
CA ASN D 214 -25.16 -16.77 -51.75
C ASN D 214 -24.52 -15.50 -51.19
N LEU D 215 -25.33 -14.75 -50.41
CA LEU D 215 -24.94 -13.43 -49.96
C LEU D 215 -23.70 -13.48 -49.08
N VAL D 216 -23.59 -14.49 -48.22
CA VAL D 216 -22.45 -14.57 -47.31
C VAL D 216 -21.16 -14.76 -48.08
N ARG D 217 -21.20 -15.60 -49.13
CA ARG D 217 -20.01 -15.79 -49.95
C ARG D 217 -19.61 -14.52 -50.67
N ARG D 218 -20.57 -13.75 -51.19
CA ARG D 218 -20.20 -12.49 -51.79
C ARG D 218 -19.60 -11.55 -50.75
N PHE D 219 -20.22 -11.49 -49.57
CA PHE D 219 -19.76 -10.58 -48.52
C PHE D 219 -18.30 -10.84 -48.17
N ILE D 220 -17.95 -12.11 -47.99
CA ILE D 220 -16.57 -12.47 -47.65
C ILE D 220 -15.64 -12.14 -48.80
N ARG D 221 -16.04 -12.49 -50.02
CA ARG D 221 -15.19 -12.26 -51.18
C ARG D 221 -14.92 -10.76 -51.37
N GLU D 222 -15.96 -9.94 -51.31
CA GLU D 222 -15.77 -8.52 -51.60
C GLU D 222 -15.07 -7.81 -50.44
N THR D 223 -15.41 -8.12 -49.18
CA THR D 223 -14.76 -7.44 -48.07
C THR D 223 -13.27 -7.78 -48.02
N TRP D 224 -12.92 -9.04 -48.25
CA TRP D 224 -11.53 -9.47 -48.08
C TRP D 224 -10.63 -9.05 -49.23
N LYS D 225 -11.18 -8.62 -50.36
CA LYS D 225 -10.37 -8.26 -51.53
C LYS D 225 -9.27 -7.25 -51.22
N PRO D 226 -9.52 -6.15 -50.50
CA PRO D 226 -8.42 -5.21 -50.21
C PRO D 226 -7.30 -5.83 -49.40
N ILE D 227 -7.62 -6.63 -48.38
CA ILE D 227 -6.55 -7.23 -47.58
C ILE D 227 -5.77 -8.23 -48.40
N ILE D 228 -6.47 -9.02 -49.23
CA ILE D 228 -5.79 -9.96 -50.10
C ILE D 228 -4.90 -9.22 -51.09
N ALA D 229 -5.31 -8.04 -51.52
CA ALA D 229 -4.56 -7.28 -52.48
C ALA D 229 -3.46 -6.40 -51.91
N PHE D 230 -3.34 -6.37 -50.60
CA PHE D 230 -2.33 -5.57 -49.95
C PHE D 230 -0.97 -6.24 -50.11
N ASP D 231 -0.77 -7.38 -49.45
CA ASP D 231 0.50 -8.08 -49.58
C ASP D 231 0.31 -9.39 -50.31
N GLY D 232 0.57 -9.31 -51.61
CA GLY D 232 0.37 -10.36 -52.60
C GLY D 232 -0.38 -11.60 -52.20
N GLY D 233 -1.52 -11.45 -51.53
CA GLY D 233 -2.38 -12.56 -51.21
C GLY D 233 -2.15 -13.26 -49.90
N ARG D 234 -1.19 -12.80 -49.09
CA ARG D 234 -0.93 -13.44 -47.81
C ARG D 234 -1.83 -12.79 -46.77
N ILE D 235 -2.74 -13.57 -46.19
CA ILE D 235 -3.71 -13.07 -45.22
C ILE D 235 -3.33 -13.60 -43.84
N CYS D 236 -3.11 -12.68 -42.90
CA CYS D 236 -2.91 -13.03 -41.50
C CYS D 236 -4.23 -12.78 -40.77
N PRO D 237 -5.10 -13.76 -40.68
CA PRO D 237 -6.50 -13.51 -40.29
C PRO D 237 -6.69 -13.48 -38.77
N ALA D 238 -6.22 -12.38 -38.16
CA ALA D 238 -6.13 -12.29 -36.71
C ALA D 238 -7.48 -12.48 -36.03
N ASP D 239 -8.42 -11.56 -36.27
CA ASP D 239 -9.72 -11.66 -35.60
C ASP D 239 -10.42 -12.98 -35.87
N PRO D 240 -10.50 -13.47 -37.10
CA PRO D 240 -11.11 -14.80 -37.29
C PRO D 240 -10.44 -15.88 -36.46
N LEU D 241 -9.11 -15.82 -36.28
CA LEU D 241 -8.47 -16.78 -35.40
C LEU D 241 -8.93 -16.59 -33.96
N ALA D 242 -8.99 -15.33 -33.51
CA ALA D 242 -9.49 -15.06 -32.16
C ALA D 242 -10.88 -15.63 -31.94
N ALA D 243 -11.79 -15.40 -32.89
CA ALA D 243 -13.11 -16.02 -32.77
C ALA D 243 -13.00 -17.53 -32.83
N PHE D 244 -12.20 -18.04 -33.76
CA PHE D 244 -11.99 -19.48 -33.88
C PHE D 244 -11.64 -20.09 -32.53
N ILE D 245 -10.67 -19.49 -31.83
CA ILE D 245 -10.29 -19.95 -30.50
C ILE D 245 -11.46 -19.82 -29.54
N ALA D 246 -12.12 -18.66 -29.53
CA ALA D 246 -13.20 -18.41 -28.58
C ALA D 246 -14.35 -19.39 -28.75
N VAL D 247 -14.66 -19.74 -29.99
CA VAL D 247 -15.80 -20.62 -30.28
C VAL D 247 -15.43 -22.08 -30.09
N TYR D 248 -14.27 -22.51 -30.58
CA TYR D 248 -13.92 -23.92 -30.64
C TYR D 248 -12.86 -24.34 -29.62
N GLY D 249 -12.81 -23.64 -28.48
CA GLY D 249 -12.06 -24.08 -27.30
C GLY D 249 -10.72 -24.71 -27.59
N ASP D 250 -10.45 -25.85 -26.92
CA ASP D 250 -9.15 -26.50 -27.03
C ASP D 250 -8.86 -26.96 -28.45
N ARG D 251 -9.89 -27.12 -29.29
CA ARG D 251 -9.68 -27.61 -30.65
C ARG D 251 -9.01 -26.59 -31.55
N ALA D 252 -9.22 -25.31 -31.31
CA ALA D 252 -8.49 -24.31 -32.06
C ALA D 252 -7.02 -24.31 -31.69
N ILE D 253 -6.72 -24.68 -30.44
CA ILE D 253 -5.36 -24.63 -29.90
C ILE D 253 -4.74 -26.02 -29.93
N LYS D 254 -3.61 -26.14 -30.61
CA LYS D 254 -2.78 -27.33 -30.41
C LYS D 254 -1.54 -27.03 -29.57
N ARG D 255 -0.83 -25.93 -29.83
CA ARG D 255 0.27 -25.50 -28.97
C ARG D 255 0.09 -24.04 -28.57
N ALA D 256 0.33 -23.76 -27.30
CA ALA D 256 0.28 -22.41 -26.77
C ALA D 256 1.26 -22.32 -25.60
N GLU D 257 1.39 -21.11 -25.07
CA GLU D 257 2.50 -20.74 -24.20
C GLU D 257 1.99 -19.73 -23.18
N ARG D 258 2.28 -19.98 -21.90
CA ARG D 258 1.77 -19.12 -20.82
C ARG D 258 2.75 -17.98 -20.57
N LEU D 259 2.34 -16.76 -20.88
CA LEU D 259 3.20 -15.60 -20.70
C LEU D 259 2.45 -14.50 -19.97
N HIS D 260 3.00 -14.04 -18.85
CA HIS D 260 2.49 -12.83 -18.21
C HIS D 260 2.89 -11.63 -19.05
N LEU D 261 1.91 -10.83 -19.42
CA LEU D 261 2.18 -9.71 -20.30
C LEU D 261 1.97 -8.39 -19.59
N SER D 262 2.64 -7.37 -20.10
CA SER D 262 2.49 -6.01 -19.61
C SER D 262 2.78 -5.11 -20.79
N MET D 263 2.32 -3.88 -20.68
CA MET D 263 2.54 -2.94 -21.77
C MET D 263 3.78 -2.12 -21.49
N VAL D 264 4.43 -1.72 -22.57
CA VAL D 264 5.44 -0.67 -22.52
C VAL D 264 4.71 0.64 -22.82
N LEU D 265 4.62 1.50 -21.82
CA LEU D 265 3.84 2.74 -21.91
C LEU D 265 4.72 3.96 -22.15
N GLU D 266 5.94 3.76 -22.64
CA GLU D 266 6.84 4.86 -22.95
C GLU D 266 7.94 4.35 -23.87
N GLY D 267 8.46 5.26 -24.69
CA GLY D 267 9.51 4.90 -25.62
C GLY D 267 8.96 4.43 -26.95
N GLU D 268 9.89 4.13 -27.86
CA GLU D 268 9.55 3.57 -29.16
C GLU D 268 8.69 2.32 -29.04
N LYS D 269 8.92 1.49 -28.02
CA LYS D 269 8.14 0.26 -27.84
C LYS D 269 6.77 0.52 -27.22
N LEU D 270 6.32 1.77 -27.24
CA LEU D 270 4.94 2.11 -26.93
C LEU D 270 3.99 1.13 -27.61
N GLY D 271 3.21 0.41 -26.81
CA GLY D 271 2.26 -0.54 -27.35
C GLY D 271 2.79 -1.95 -27.47
N MET D 272 4.09 -2.16 -27.27
CA MET D 272 4.62 -3.52 -27.27
C MET D 272 4.13 -4.29 -26.06
N SER D 273 3.82 -5.57 -26.27
CA SER D 273 3.58 -6.51 -25.20
C SER D 273 4.92 -7.10 -24.75
N LEU D 274 5.21 -6.99 -23.46
CA LEU D 274 6.32 -7.72 -22.88
C LEU D 274 5.80 -9.06 -22.38
N ALA D 275 6.53 -10.12 -22.66
CA ALA D 275 6.12 -11.45 -22.25
C ALA D 275 7.17 -12.05 -21.33
N GLU D 276 6.73 -12.57 -20.19
CA GLU D 276 7.62 -13.24 -19.27
C GLU D 276 6.99 -14.57 -18.89
N PRO D 277 7.71 -15.68 -19.04
CA PRO D 277 7.16 -17.00 -18.66
C PRO D 277 6.59 -16.98 -17.25
N ASP D 278 5.35 -17.44 -17.13
CA ASP D 278 4.58 -17.37 -15.90
C ASP D 278 3.36 -18.25 -16.12
N GLU D 279 3.13 -19.21 -15.25
CA GLU D 279 2.07 -20.16 -15.55
C GLU D 279 0.69 -19.66 -15.14
N LYS D 280 0.58 -18.44 -14.63
CA LYS D 280 -0.74 -17.84 -14.44
C LYS D 280 -0.86 -16.52 -15.19
N GLY D 281 -0.06 -16.34 -16.23
CA GLY D 281 -0.25 -15.27 -17.20
C GLY D 281 -1.23 -15.66 -18.29
N CYS D 282 -1.19 -14.90 -19.38
CA CYS D 282 -2.12 -15.13 -20.49
C CYS D 282 -1.74 -16.37 -21.27
N LEU D 283 -2.77 -17.11 -21.69
CA LEU D 283 -2.64 -18.22 -22.63
C LEU D 283 -2.41 -17.65 -24.03
N VAL D 284 -1.16 -17.49 -24.40
CA VAL D 284 -0.79 -16.92 -25.70
C VAL D 284 -0.67 -18.06 -26.70
N VAL D 285 -1.67 -18.20 -27.56
CA VAL D 285 -1.69 -19.29 -28.53
C VAL D 285 -0.64 -19.03 -29.61
N LYS D 286 0.16 -20.05 -29.92
CA LYS D 286 1.25 -19.86 -30.86
C LYS D 286 1.05 -20.54 -32.21
N GLU D 287 0.14 -21.49 -32.34
CA GLU D 287 -0.25 -21.99 -33.65
C GLU D 287 -1.64 -22.60 -33.50
N CYS D 288 -2.43 -22.55 -34.56
CA CYS D 288 -3.80 -23.05 -34.51
C CYS D 288 -3.94 -24.33 -35.33
N ASP D 289 -5.10 -24.98 -35.19
CA ASP D 289 -5.47 -26.11 -36.03
C ASP D 289 -5.96 -25.56 -37.38
N ALA D 290 -5.04 -25.40 -38.32
CA ALA D 290 -5.40 -24.80 -39.60
C ALA D 290 -6.49 -25.59 -40.31
N GLU D 291 -6.49 -26.92 -40.17
CA GLU D 291 -7.47 -27.75 -40.87
C GLU D 291 -8.89 -27.43 -40.42
N LEU D 292 -9.12 -27.46 -39.11
CA LEU D 292 -10.43 -27.13 -38.57
C LEU D 292 -10.80 -25.68 -38.90
N PHE D 293 -9.81 -24.79 -38.93
CA PHE D 293 -10.09 -23.38 -39.16
C PHE D 293 -10.59 -23.14 -40.57
N VAL D 294 -9.94 -23.74 -41.56
CA VAL D 294 -10.42 -23.59 -42.93
C VAL D 294 -11.77 -24.28 -43.09
N LYS D 295 -11.95 -25.42 -42.43
CA LYS D 295 -13.24 -26.08 -42.45
C LYS D 295 -14.33 -25.15 -41.90
N ILE D 296 -14.01 -24.40 -40.84
CA ILE D 296 -14.98 -23.47 -40.26
C ILE D 296 -15.27 -22.33 -41.22
N LEU D 297 -14.22 -21.78 -41.83
CA LEU D 297 -14.40 -20.67 -42.77
C LEU D 297 -15.23 -21.07 -43.98
N ARG D 298 -15.12 -22.33 -44.41
CA ARG D 298 -15.99 -22.82 -45.49
C ARG D 298 -17.41 -23.02 -45.00
N GLU D 299 -17.58 -23.59 -43.80
CA GLU D 299 -18.89 -24.05 -43.35
C GLU D 299 -19.88 -22.89 -43.19
N LEU D 300 -19.39 -21.74 -42.74
CA LEU D 300 -20.31 -20.62 -42.53
C LEU D 300 -20.86 -20.08 -43.84
N GLN D 301 -20.18 -20.32 -44.95
CA GLN D 301 -20.63 -19.91 -46.27
C GLN D 301 -21.50 -20.95 -46.98
N ASP D 302 -21.95 -21.98 -46.26
CA ASP D 302 -22.76 -23.03 -46.88
C ASP D 302 -24.20 -22.56 -47.05
N HIS D 303 -24.86 -23.08 -48.07
CA HIS D 303 -26.24 -22.71 -48.35
C HIS D 303 -27.18 -23.19 -47.24
#